data_1M72
#
_entry.id   1M72
#
_cell.length_a   151.730
_cell.length_b   151.730
_cell.length_c   79.460
_cell.angle_alpha   90.00
_cell.angle_beta   90.00
_cell.angle_gamma   120.00
#
_symmetry.space_group_name_H-M   'P 32 2 1'
#
loop_
_entity.id
_entity.type
_entity.pdbx_description
1 polymer Caspase-1
2 polymer Ace-Asp-Glu-Val-Asp-chloromethylketone
3 non-polymer 1,2-ETHANEDIOL
4 water water
#
loop_
_entity_poly.entity_id
_entity_poly.type
_entity_poly.pdbx_seq_one_letter_code
_entity_poly.pdbx_strand_id
1 'polypeptide(L)'
;ALGSNSSSQPNRVARMPVDRNAPYYNMNHKHRGMAIIFNHEHFDIHSLKSRTGTNVDSDNLSKVLKTLGFKVTVFPNLKS
EEINKFIQQTAEMDHSDADCLLVAVLTHGELGMLYAKDTHYKPDNLWYYFTADKCPTLAGKPKLFFIQACQGDRLDGGIT
LSRTETDGSPSTSYRIPVHADFLIAFSTVPGYFSWRNTTRGSWFMQALCEELRYAGTERDILTLLTFVCQKVALDFESNA
PDSAMMHQQKQVPCITSMLTRLLVFGKKQSHL
;
A,B,C
2 'polypeptide(L)' (ACE)DEVD(0QE) D,E,F
#
# COMPACT_ATOMS: atom_id res chain seq x y z
N ARG A 12 -29.28 -45.17 11.26
CA ARG A 12 -30.39 -45.98 10.64
C ARG A 12 -29.71 -47.20 9.99
N VAL A 13 -30.46 -48.15 9.43
CA VAL A 13 -29.79 -49.31 8.85
C VAL A 13 -30.23 -49.78 7.46
N ALA A 14 -29.26 -49.97 6.58
CA ALA A 14 -29.51 -50.42 5.22
C ALA A 14 -28.61 -51.60 4.91
N ARG A 15 -28.96 -52.33 3.87
CA ARG A 15 -28.15 -53.46 3.47
C ARG A 15 -26.81 -52.96 2.90
N MET A 16 -25.73 -53.61 3.30
CA MET A 16 -24.42 -53.24 2.81
C MET A 16 -24.38 -53.79 1.38
N PRO A 17 -24.21 -52.91 0.38
CA PRO A 17 -24.18 -53.43 -1.00
C PRO A 17 -22.80 -53.84 -1.52
N VAL A 18 -21.73 -53.38 -0.87
CA VAL A 18 -20.36 -53.65 -1.34
C VAL A 18 -19.50 -53.53 -0.09
N ASP A 19 -18.30 -54.09 -0.06
CA ASP A 19 -17.54 -53.98 1.20
C ASP A 19 -16.97 -52.61 1.50
N ARG A 20 -16.77 -52.38 2.79
CA ARG A 20 -16.28 -51.11 3.28
C ARG A 20 -15.21 -50.41 2.44
N ASN A 21 -14.11 -51.11 2.15
CA ASN A 21 -13.02 -50.50 1.42
C ASN A 21 -12.89 -50.74 -0.07
N ALA A 22 -13.94 -51.25 -0.70
CA ALA A 22 -13.92 -51.54 -2.13
C ALA A 22 -13.65 -50.30 -2.97
N PRO A 23 -12.77 -50.40 -3.95
CA PRO A 23 -12.56 -49.19 -4.75
C PRO A 23 -13.62 -49.01 -5.81
N TYR A 24 -14.42 -50.04 -6.05
CA TYR A 24 -15.46 -49.92 -7.08
C TYR A 24 -16.83 -50.13 -6.48
N TYR A 25 -17.87 -49.51 -7.05
CA TYR A 25 -19.21 -49.78 -6.53
C TYR A 25 -19.54 -51.20 -7.02
N ASN A 26 -20.48 -51.84 -6.32
CA ASN A 26 -20.89 -53.19 -6.69
C ASN A 26 -21.93 -53.15 -7.78
N MET A 27 -21.47 -53.27 -9.03
CA MET A 27 -22.36 -53.25 -10.19
C MET A 27 -22.72 -54.69 -10.65
N ASN A 28 -22.90 -55.61 -9.69
CA ASN A 28 -23.22 -57.01 -10.04
C ASN A 28 -24.56 -57.52 -9.54
N HIS A 29 -25.40 -56.58 -9.13
CA HIS A 29 -26.74 -56.89 -8.67
C HIS A 29 -27.51 -57.55 -9.85
N LYS A 30 -28.61 -58.20 -9.51
CA LYS A 30 -29.42 -58.88 -10.50
C LYS A 30 -29.80 -57.92 -11.63
N HIS A 31 -30.02 -56.66 -11.27
CA HIS A 31 -30.41 -55.64 -12.24
C HIS A 31 -29.55 -54.38 -12.20
N ARG A 32 -29.39 -53.76 -13.37
CA ARG A 32 -28.64 -52.51 -13.43
C ARG A 32 -29.39 -51.41 -12.64
N GLY A 33 -30.68 -51.30 -12.89
CA GLY A 33 -31.51 -50.32 -12.20
C GLY A 33 -32.41 -49.56 -13.16
N MET A 34 -33.12 -48.59 -12.62
CA MET A 34 -34.01 -47.79 -13.43
C MET A 34 -33.31 -46.57 -13.98
N ALA A 35 -33.83 -46.10 -15.10
CA ALA A 35 -33.36 -44.89 -15.75
C ALA A 35 -34.63 -44.19 -16.19
N ILE A 36 -34.94 -43.06 -15.57
CA ILE A 36 -36.13 -42.30 -15.93
C ILE A 36 -35.70 -40.98 -16.59
N ILE A 37 -36.22 -40.75 -17.79
CA ILE A 37 -35.89 -39.58 -18.59
C ILE A 37 -37.08 -38.63 -18.71
N PHE A 38 -36.93 -37.41 -18.20
CA PHE A 38 -38.02 -36.45 -18.31
C PHE A 38 -37.71 -35.56 -19.47
N ASN A 39 -38.45 -35.81 -20.56
CA ASN A 39 -38.23 -35.13 -21.82
C ASN A 39 -39.27 -34.04 -22.02
N HIS A 40 -38.78 -32.81 -22.16
CA HIS A 40 -39.67 -31.66 -22.33
C HIS A 40 -39.46 -30.96 -23.66
N GLU A 41 -40.39 -31.17 -24.60
CA GLU A 41 -40.30 -30.54 -25.90
C GLU A 41 -41.19 -29.29 -26.02
N HIS A 42 -42.30 -29.29 -25.30
CA HIS A 42 -43.27 -28.19 -25.38
C HIS A 42 -43.74 -27.66 -24.04
N PHE A 43 -43.96 -26.35 -23.97
CA PHE A 43 -44.40 -25.75 -22.71
C PHE A 43 -45.65 -24.90 -22.73
N ASP A 44 -46.38 -24.94 -21.63
CA ASP A 44 -47.55 -24.12 -21.51
C ASP A 44 -47.19 -22.74 -21.00
N ILE A 45 -45.91 -22.46 -20.83
CA ILE A 45 -45.51 -21.12 -20.41
C ILE A 45 -45.21 -20.36 -21.68
N HIS A 46 -46.01 -19.33 -21.93
CA HIS A 46 -45.89 -18.45 -23.10
C HIS A 46 -44.46 -18.08 -23.57
N SER A 47 -43.66 -17.56 -22.66
CA SER A 47 -42.31 -17.13 -23.01
C SER A 47 -41.36 -18.25 -23.45
N LEU A 48 -41.76 -19.51 -23.28
CA LEU A 48 -40.88 -20.62 -23.65
C LEU A 48 -41.19 -21.29 -25.00
N LYS A 49 -40.20 -21.32 -25.88
CA LYS A 49 -40.35 -21.92 -27.19
C LYS A 49 -40.13 -23.44 -27.15
N SER A 50 -40.64 -24.14 -28.16
CA SER A 50 -40.47 -25.60 -28.25
C SER A 50 -39.00 -26.03 -28.34
N ARG A 51 -38.67 -27.20 -27.83
CA ARG A 51 -37.24 -27.63 -27.85
C ARG A 51 -37.02 -28.70 -28.93
N THR A 52 -37.15 -28.29 -30.19
CA THR A 52 -36.97 -29.19 -31.34
C THR A 52 -35.60 -29.82 -31.29
N GLY A 53 -35.56 -31.15 -31.40
CA GLY A 53 -34.30 -31.88 -31.34
C GLY A 53 -34.15 -32.64 -30.02
N THR A 54 -34.98 -32.33 -29.02
CA THR A 54 -34.90 -32.99 -27.71
C THR A 54 -35.25 -34.44 -27.89
N ASN A 55 -36.17 -34.73 -28.81
CA ASN A 55 -36.57 -36.12 -29.03
C ASN A 55 -35.40 -37.00 -29.49
N VAL A 56 -34.45 -36.40 -30.19
CA VAL A 56 -33.29 -37.13 -30.66
C VAL A 56 -32.48 -37.46 -29.44
N ASP A 57 -32.29 -36.48 -28.56
CA ASP A 57 -31.59 -36.70 -27.31
C ASP A 57 -32.23 -37.85 -26.55
N SER A 58 -33.55 -37.76 -26.38
CA SER A 58 -34.28 -38.76 -25.62
C SER A 58 -34.19 -40.17 -26.20
N ASP A 59 -34.34 -40.29 -27.52
CA ASP A 59 -34.24 -41.61 -28.17
C ASP A 59 -32.79 -42.11 -28.02
N ASN A 60 -31.86 -41.23 -28.34
CA ASN A 60 -30.43 -41.50 -28.23
C ASN A 60 -30.05 -42.01 -26.81
N LEU A 61 -30.47 -41.28 -25.78
CA LEU A 61 -30.11 -41.65 -24.41
C LEU A 61 -30.73 -43.00 -24.04
N SER A 62 -32.00 -43.14 -24.38
CA SER A 62 -32.72 -44.36 -24.09
C SER A 62 -32.03 -45.59 -24.72
N LYS A 63 -31.61 -45.45 -25.99
CA LYS A 63 -30.95 -46.56 -26.68
C LYS A 63 -29.67 -46.99 -26.00
N VAL A 64 -28.77 -46.03 -25.72
CA VAL A 64 -27.54 -46.46 -25.14
C VAL A 64 -27.73 -47.01 -23.73
N LEU A 65 -28.64 -46.43 -22.98
CA LEU A 65 -28.80 -46.91 -21.60
C LEU A 65 -29.34 -48.34 -21.60
N LYS A 66 -30.25 -48.61 -22.55
CA LYS A 66 -30.79 -49.95 -22.65
C LYS A 66 -29.64 -50.92 -22.88
N THR A 67 -28.67 -50.58 -23.74
CA THR A 67 -27.57 -51.50 -23.96
C THR A 67 -26.74 -51.65 -22.70
N LEU A 68 -26.81 -50.67 -21.79
CA LEU A 68 -26.09 -50.77 -20.54
C LEU A 68 -26.89 -51.55 -19.47
N GLY A 69 -28.12 -51.93 -19.80
CA GLY A 69 -28.94 -52.73 -18.88
C GLY A 69 -30.03 -52.06 -18.08
N PHE A 70 -30.16 -50.74 -18.23
CA PHE A 70 -31.19 -50.01 -17.50
C PHE A 70 -32.57 -50.33 -17.99
N LYS A 71 -33.54 -50.34 -17.07
CA LYS A 71 -34.92 -50.48 -17.47
C LYS A 71 -35.27 -48.99 -17.61
N VAL A 72 -35.40 -48.55 -18.86
CA VAL A 72 -35.68 -47.16 -19.23
C VAL A 72 -37.14 -46.79 -19.31
N THR A 73 -37.49 -45.62 -18.80
CA THR A 73 -38.86 -45.10 -18.86
C THR A 73 -38.78 -43.66 -19.30
N VAL A 74 -39.42 -43.32 -20.41
CA VAL A 74 -39.42 -41.93 -20.84
C VAL A 74 -40.77 -41.31 -20.44
N PHE A 75 -40.69 -40.14 -19.79
CA PHE A 75 -41.83 -39.37 -19.34
C PHE A 75 -41.83 -38.09 -20.16
N PRO A 76 -42.72 -38.00 -21.16
CA PRO A 76 -42.73 -36.77 -21.97
C PRO A 76 -43.64 -35.65 -21.46
N ASN A 77 -43.13 -34.44 -21.43
CA ASN A 77 -43.91 -33.29 -21.04
C ASN A 77 -44.81 -33.31 -19.81
N LEU A 78 -44.31 -33.81 -18.69
CA LEU A 78 -45.13 -33.83 -17.48
C LEU A 78 -45.22 -32.46 -16.79
N LYS A 79 -46.23 -32.32 -15.94
CA LYS A 79 -46.40 -31.11 -15.17
C LYS A 79 -45.47 -31.28 -13.98
N SER A 80 -45.07 -30.18 -13.37
CA SER A 80 -44.18 -30.19 -12.23
C SER A 80 -44.60 -31.17 -11.11
N GLU A 81 -45.89 -31.22 -10.82
CA GLU A 81 -46.32 -32.11 -9.77
C GLU A 81 -46.33 -33.56 -10.21
N GLU A 82 -46.47 -33.82 -11.51
CA GLU A 82 -46.44 -35.19 -12.00
C GLU A 82 -45.00 -35.73 -11.96
N ILE A 83 -44.00 -34.85 -12.18
CA ILE A 83 -42.59 -35.24 -12.11
C ILE A 83 -42.30 -35.55 -10.62
N ASN A 84 -42.62 -34.59 -9.76
CA ASN A 84 -42.39 -34.80 -8.36
C ASN A 84 -43.03 -36.11 -7.88
N LYS A 85 -44.24 -36.37 -8.30
CA LYS A 85 -44.90 -37.58 -7.87
C LYS A 85 -44.17 -38.83 -8.35
N PHE A 86 -43.83 -38.88 -9.63
CA PHE A 86 -43.12 -40.05 -10.13
C PHE A 86 -41.74 -40.22 -9.43
N ILE A 87 -41.04 -39.11 -9.19
CA ILE A 87 -39.74 -39.13 -8.52
C ILE A 87 -39.90 -39.77 -7.15
N GLN A 88 -40.92 -39.35 -6.42
CA GLN A 88 -41.20 -39.91 -5.09
C GLN A 88 -41.60 -41.38 -5.20
N GLN A 89 -42.29 -41.72 -6.28
CA GLN A 89 -42.67 -43.10 -6.48
C GLN A 89 -41.43 -43.95 -6.63
N THR A 90 -40.52 -43.47 -7.45
CA THR A 90 -39.28 -44.16 -7.67
C THR A 90 -38.51 -44.29 -6.35
N ALA A 91 -38.44 -43.19 -5.61
CA ALA A 91 -37.74 -43.24 -4.33
C ALA A 91 -38.30 -44.29 -3.36
N GLU A 92 -39.58 -44.60 -3.50
CA GLU A 92 -40.24 -45.58 -2.61
C GLU A 92 -40.19 -47.00 -3.14
N MET A 93 -39.61 -47.20 -4.30
CA MET A 93 -39.57 -48.56 -4.77
C MET A 93 -38.47 -49.28 -4.03
N ASP A 94 -38.46 -50.60 -4.12
CA ASP A 94 -37.43 -51.42 -3.50
C ASP A 94 -36.30 -51.60 -4.53
N HIS A 95 -35.14 -50.94 -4.31
CA HIS A 95 -33.99 -51.01 -5.24
C HIS A 95 -32.90 -52.04 -4.83
N SER A 96 -33.28 -52.93 -3.91
CA SER A 96 -32.38 -53.95 -3.40
C SER A 96 -31.53 -54.72 -4.42
N ASP A 97 -32.14 -55.12 -5.52
CA ASP A 97 -31.44 -55.87 -6.54
C ASP A 97 -31.03 -55.00 -7.70
N ALA A 98 -30.78 -53.73 -7.43
CA ALA A 98 -30.37 -52.81 -8.49
C ALA A 98 -28.95 -52.33 -8.24
N ASP A 99 -28.21 -52.06 -9.31
CA ASP A 99 -26.85 -51.52 -9.13
C ASP A 99 -26.92 -50.02 -8.76
N CYS A 100 -27.81 -49.28 -9.44
CA CYS A 100 -27.89 -47.86 -9.26
C CYS A 100 -29.24 -47.33 -9.74
N LEU A 101 -29.30 -46.00 -9.88
CA LEU A 101 -30.46 -45.32 -10.37
C LEU A 101 -29.94 -44.15 -11.18
N LEU A 102 -30.63 -43.84 -12.28
CA LEU A 102 -30.24 -42.74 -13.14
C LEU A 102 -31.48 -41.93 -13.54
N VAL A 103 -31.38 -40.61 -13.36
CA VAL A 103 -32.43 -39.67 -13.70
C VAL A 103 -31.85 -38.61 -14.66
N ALA A 104 -32.52 -38.39 -15.81
CA ALA A 104 -32.06 -37.38 -16.77
C ALA A 104 -33.23 -36.45 -17.05
N VAL A 105 -32.96 -35.16 -17.20
CA VAL A 105 -34.00 -34.19 -17.48
C VAL A 105 -33.47 -33.35 -18.63
N LEU A 106 -34.33 -33.14 -19.62
CA LEU A 106 -34.05 -32.37 -20.86
C LEU A 106 -35.12 -31.26 -20.92
N THR A 107 -34.72 -30.03 -20.66
CA THR A 107 -35.71 -28.97 -20.64
C THR A 107 -35.08 -27.59 -20.62
N HIS A 108 -35.93 -26.57 -20.43
CA HIS A 108 -35.46 -25.18 -20.35
C HIS A 108 -35.15 -24.97 -18.89
N GLY A 109 -34.24 -24.04 -18.63
CA GLY A 109 -33.88 -23.71 -17.28
C GLY A 109 -33.25 -22.34 -17.19
N GLU A 110 -32.97 -21.97 -15.93
CA GLU A 110 -32.31 -20.74 -15.52
C GLU A 110 -31.55 -21.17 -14.26
N LEU A 111 -30.71 -20.28 -13.75
CA LEU A 111 -29.91 -20.53 -12.58
C LEU A 111 -30.81 -20.99 -11.43
N GLY A 112 -30.53 -22.17 -10.90
CA GLY A 112 -31.35 -22.69 -9.81
C GLY A 112 -32.77 -23.04 -10.22
N MET A 113 -32.99 -23.19 -11.52
CA MET A 113 -34.35 -23.48 -11.96
C MET A 113 -34.45 -24.36 -13.21
N LEU A 114 -35.43 -25.27 -13.21
CA LEU A 114 -35.76 -26.18 -14.32
C LEU A 114 -37.28 -26.08 -14.65
N TYR A 115 -37.67 -26.17 -15.92
CA TYR A 115 -39.11 -26.07 -16.21
C TYR A 115 -39.85 -27.37 -16.46
N ALA A 116 -41.02 -27.47 -15.88
CA ALA A 116 -41.87 -28.62 -16.14
C ALA A 116 -42.76 -28.06 -17.27
N LYS A 117 -43.82 -28.76 -17.62
CA LYS A 117 -44.67 -28.26 -18.69
C LYS A 117 -45.38 -26.95 -18.27
N ASP A 118 -45.92 -26.96 -17.05
CA ASP A 118 -46.68 -25.85 -16.48
C ASP A 118 -45.96 -24.79 -15.65
N THR A 119 -44.90 -25.16 -14.95
CA THR A 119 -44.19 -24.19 -14.11
C THR A 119 -42.75 -24.68 -13.84
N HIS A 120 -41.98 -23.90 -13.09
CA HIS A 120 -40.62 -24.29 -12.79
C HIS A 120 -40.45 -24.87 -11.36
N TYR A 121 -39.34 -25.57 -11.14
CA TYR A 121 -39.00 -26.14 -9.83
C TYR A 121 -37.47 -26.14 -9.65
N LYS A 122 -37.02 -26.35 -8.42
CA LYS A 122 -35.58 -26.36 -8.12
C LYS A 122 -34.99 -27.74 -8.47
N PRO A 123 -33.88 -27.77 -9.22
CA PRO A 123 -33.16 -29.00 -9.66
C PRO A 123 -32.93 -29.98 -8.50
N ASP A 124 -32.70 -29.42 -7.32
CA ASP A 124 -32.44 -30.18 -6.11
C ASP A 124 -33.57 -31.12 -5.76
N ASN A 125 -34.77 -30.78 -6.23
CA ASN A 125 -35.96 -31.60 -6.01
C ASN A 125 -35.74 -32.97 -6.66
N LEU A 126 -34.89 -33.03 -7.68
CA LEU A 126 -34.62 -34.30 -8.40
C LEU A 126 -33.84 -35.31 -7.57
N TRP A 127 -32.93 -34.86 -6.72
CA TRP A 127 -32.16 -35.81 -5.94
C TRP A 127 -32.50 -35.83 -4.45
N TYR A 128 -33.24 -34.82 -4.01
CA TYR A 128 -33.64 -34.67 -2.60
C TYR A 128 -34.21 -35.96 -2.00
N TYR A 129 -35.11 -36.63 -2.72
CA TYR A 129 -35.73 -37.87 -2.25
C TYR A 129 -34.89 -39.14 -2.27
N PHE A 130 -33.61 -39.05 -2.64
CA PHE A 130 -32.84 -40.27 -2.73
C PHE A 130 -31.67 -40.35 -1.75
N THR A 131 -31.63 -39.43 -0.79
CA THR A 131 -30.54 -39.53 0.18
C THR A 131 -30.75 -40.87 0.92
N ALA A 132 -29.65 -41.52 1.27
CA ALA A 132 -29.64 -42.84 1.92
C ALA A 132 -30.74 -43.02 2.99
N ASP A 133 -30.96 -41.98 3.79
CA ASP A 133 -32.00 -42.04 4.81
C ASP A 133 -33.37 -42.12 4.19
N LYS A 134 -33.57 -41.54 3.01
CA LYS A 134 -34.89 -41.58 2.44
C LYS A 134 -35.04 -42.76 1.48
N CYS A 135 -33.93 -43.29 1.00
CA CYS A 135 -34.02 -44.42 0.09
C CYS A 135 -32.91 -45.45 0.36
N PRO A 136 -33.01 -46.14 1.51
CA PRO A 136 -32.07 -47.17 1.99
C PRO A 136 -31.72 -48.23 0.98
N THR A 137 -32.64 -48.59 0.08
CA THR A 137 -32.30 -49.65 -0.86
C THR A 137 -31.32 -49.21 -1.95
N LEU A 138 -30.94 -47.91 -1.93
CA LEU A 138 -29.95 -47.37 -2.87
C LEU A 138 -28.75 -46.91 -2.02
N ALA A 139 -28.81 -47.18 -0.72
CA ALA A 139 -27.73 -46.80 0.15
C ALA A 139 -26.44 -47.53 -0.27
N GLY A 140 -25.35 -46.74 -0.36
CA GLY A 140 -24.05 -47.21 -0.77
C GLY A 140 -23.93 -47.44 -2.29
N LYS A 141 -24.98 -47.10 -3.04
CA LYS A 141 -25.02 -47.26 -4.49
C LYS A 141 -25.06 -45.91 -5.22
N PRO A 142 -24.40 -45.81 -6.40
CA PRO A 142 -24.42 -44.54 -7.11
C PRO A 142 -25.79 -44.12 -7.66
N LYS A 143 -26.12 -42.85 -7.42
CA LYS A 143 -27.35 -42.21 -7.85
C LYS A 143 -26.90 -41.13 -8.85
N LEU A 144 -27.27 -41.31 -10.11
CA LEU A 144 -26.83 -40.45 -11.20
C LEU A 144 -27.89 -39.54 -11.80
N PHE A 145 -27.53 -38.26 -11.97
CA PHE A 145 -28.47 -37.29 -12.53
C PHE A 145 -27.83 -36.56 -13.68
N PHE A 146 -28.54 -36.49 -14.81
CA PHE A 146 -28.03 -35.80 -16.00
C PHE A 146 -29.04 -34.75 -16.41
N ILE A 147 -28.57 -33.51 -16.46
CA ILE A 147 -29.45 -32.42 -16.78
C ILE A 147 -29.04 -31.55 -17.96
N GLN A 148 -29.91 -31.55 -18.98
CA GLN A 148 -29.73 -30.76 -20.17
C GLN A 148 -30.66 -29.56 -20.04
N ALA A 149 -30.08 -28.41 -19.73
CA ALA A 149 -30.84 -27.16 -19.61
C ALA A 149 -29.91 -25.97 -19.31
N CYS A 150 -30.36 -24.75 -19.54
CA CYS A 150 -29.51 -23.59 -19.20
C CYS A 150 -29.50 -23.38 -17.69
N GLN A 151 -28.41 -22.82 -17.20
CA GLN A 151 -28.25 -22.52 -15.78
C GLN A 151 -28.16 -21.00 -15.74
N GLY A 152 -28.70 -20.39 -16.78
CA GLY A 152 -28.67 -18.95 -16.90
C GLY A 152 -28.56 -18.53 -18.35
N ASP A 153 -28.18 -17.26 -18.55
CA ASP A 153 -28.08 -16.69 -19.88
C ASP A 153 -26.75 -16.07 -20.23
N ARG A 154 -25.69 -16.47 -19.55
CA ARG A 154 -24.40 -15.93 -19.90
C ARG A 154 -23.77 -16.73 -21.05
N LEU A 155 -22.87 -16.07 -21.76
CA LEU A 155 -22.21 -16.69 -22.90
C LEU A 155 -20.72 -16.84 -22.75
N ASP A 156 -20.19 -17.91 -23.36
CA ASP A 156 -18.77 -18.22 -23.33
C ASP A 156 -18.30 -18.04 -24.78
N GLY A 157 -17.62 -16.93 -25.04
CA GLY A 157 -17.15 -16.65 -26.39
C GLY A 157 -15.96 -17.50 -26.76
N GLY A 158 -15.44 -18.23 -25.78
CA GLY A 158 -14.29 -19.12 -25.97
C GLY A 158 -13.00 -18.40 -26.27
N ILE A 159 -11.92 -19.16 -26.38
CA ILE A 159 -10.60 -18.62 -26.75
C ILE A 159 -9.92 -19.60 -27.73
N THR A 160 -9.08 -19.08 -28.63
CA THR A 160 -8.38 -19.88 -29.61
C THR A 160 -6.99 -20.18 -29.09
N LEU A 161 -6.63 -21.46 -29.08
CA LEU A 161 -5.30 -21.91 -28.65
C LEU A 161 -4.54 -22.12 -29.94
N SER A 162 -3.35 -21.54 -30.02
CA SER A 162 -2.60 -21.63 -31.26
C SER A 162 -1.11 -21.96 -31.15
N ARG A 163 -0.60 -22.53 -32.26
CA ARG A 163 0.81 -22.92 -32.48
C ARG A 163 1.25 -24.22 -31.83
N SER A 173 -22.27 -52.80 10.29
CA SER A 173 -20.85 -52.86 10.00
C SER A 173 -20.21 -51.51 9.64
N TYR A 174 -20.69 -50.75 8.66
CA TYR A 174 -20.04 -49.42 8.50
C TYR A 174 -21.00 -48.27 8.15
N ARG A 175 -20.69 -47.09 8.68
CA ARG A 175 -21.51 -45.90 8.45
C ARG A 175 -21.04 -44.94 7.36
N ILE A 176 -21.99 -44.49 6.54
CA ILE A 176 -21.76 -43.53 5.45
C ILE A 176 -22.62 -42.28 5.53
N PRO A 177 -22.16 -41.17 4.92
CA PRO A 177 -22.96 -39.94 4.95
C PRO A 177 -24.20 -40.19 4.05
N VAL A 178 -25.37 -39.69 4.43
CA VAL A 178 -26.55 -39.94 3.60
C VAL A 178 -26.52 -39.15 2.29
N HIS A 179 -25.64 -38.15 2.17
CA HIS A 179 -25.53 -37.38 0.92
C HIS A 179 -24.43 -37.90 0.02
N ALA A 180 -23.81 -39.02 0.39
CA ALA A 180 -22.74 -39.56 -0.46
C ALA A 180 -23.28 -40.36 -1.61
N ASP A 181 -22.43 -40.52 -2.63
CA ASP A 181 -22.75 -41.33 -3.79
C ASP A 181 -23.72 -40.79 -4.82
N PHE A 182 -23.68 -39.47 -4.98
CA PHE A 182 -24.45 -38.81 -5.98
C PHE A 182 -23.49 -38.26 -7.02
N LEU A 183 -23.94 -38.32 -8.27
CA LEU A 183 -23.20 -37.75 -9.38
C LEU A 183 -24.21 -36.85 -10.12
N ILE A 184 -23.91 -35.57 -10.16
CA ILE A 184 -24.80 -34.64 -10.80
C ILE A 184 -24.01 -33.94 -11.90
N ALA A 185 -24.44 -34.24 -13.12
CA ALA A 185 -23.83 -33.72 -14.33
C ALA A 185 -24.79 -32.76 -15.09
N PHE A 186 -24.43 -31.47 -15.11
CA PHE A 186 -25.18 -30.44 -15.84
C PHE A 186 -24.44 -30.23 -17.21
N SER A 187 -25.21 -30.03 -18.29
CA SER A 187 -24.65 -29.78 -19.61
C SER A 187 -23.79 -28.47 -19.62
N THR A 188 -24.01 -27.63 -18.62
CA THR A 188 -23.31 -26.36 -18.60
C THR A 188 -23.02 -25.85 -17.18
N VAL A 189 -22.10 -24.90 -17.13
CA VAL A 189 -21.68 -24.23 -15.91
C VAL A 189 -22.73 -23.25 -15.37
N PRO A 190 -22.88 -23.16 -14.02
CA PRO A 190 -23.86 -22.24 -13.42
C PRO A 190 -23.78 -20.83 -14.04
N GLY A 191 -24.95 -20.26 -14.34
CA GLY A 191 -25.01 -18.93 -14.95
C GLY A 191 -25.06 -18.97 -16.49
N TYR A 192 -24.74 -20.13 -17.10
CA TYR A 192 -24.63 -20.20 -18.58
C TYR A 192 -25.66 -20.90 -19.44
N PHE A 193 -25.76 -20.41 -20.70
CA PHE A 193 -26.66 -21.03 -21.70
C PHE A 193 -26.14 -22.43 -21.99
N SER A 194 -27.04 -23.28 -22.45
CA SER A 194 -26.71 -24.66 -22.83
C SER A 194 -27.20 -24.78 -24.29
N TRP A 195 -26.36 -25.30 -25.19
CA TRP A 195 -26.73 -25.39 -26.61
C TRP A 195 -27.32 -26.70 -27.13
N ARG A 196 -28.29 -26.52 -28.01
CA ARG A 196 -28.98 -27.64 -28.62
C ARG A 196 -29.16 -27.39 -30.12
N ASN A 197 -28.94 -28.43 -30.92
CA ASN A 197 -29.12 -28.32 -32.34
C ASN A 197 -30.48 -28.95 -32.67
N THR A 198 -31.30 -28.24 -33.43
CA THR A 198 -32.64 -28.77 -33.71
C THR A 198 -32.71 -30.10 -34.43
N THR A 199 -31.65 -30.47 -35.13
CA THR A 199 -31.67 -31.74 -35.83
C THR A 199 -30.82 -32.83 -35.12
N ARG A 200 -29.64 -32.48 -34.61
CA ARG A 200 -28.79 -33.45 -33.94
C ARG A 200 -28.98 -33.55 -32.43
N GLY A 201 -29.71 -32.62 -31.84
CA GLY A 201 -29.90 -32.68 -30.40
C GLY A 201 -28.97 -31.79 -29.57
N SER A 202 -29.05 -31.85 -28.24
CA SER A 202 -28.20 -31.00 -27.41
C SER A 202 -26.75 -31.49 -27.52
N TRP A 203 -25.79 -30.57 -27.37
CA TRP A 203 -24.35 -30.92 -27.46
C TRP A 203 -23.94 -31.91 -26.37
N PHE A 204 -24.35 -31.62 -25.14
CA PHE A 204 -24.07 -32.46 -24.01
C PHE A 204 -24.59 -33.91 -24.24
N MET A 205 -25.86 -34.05 -24.61
CA MET A 205 -26.42 -35.36 -24.84
C MET A 205 -25.76 -36.08 -26.02
N GLN A 206 -25.45 -35.36 -27.10
CA GLN A 206 -24.81 -36.10 -28.17
C GLN A 206 -23.44 -36.57 -27.75
N ALA A 207 -22.68 -35.75 -27.04
CA ALA A 207 -21.36 -36.18 -26.63
C ALA A 207 -21.47 -37.34 -25.60
N LEU A 208 -22.39 -37.20 -24.66
CA LEU A 208 -22.62 -38.19 -23.63
C LEU A 208 -23.05 -39.54 -24.28
N CYS A 209 -23.97 -39.48 -25.24
CA CYS A 209 -24.41 -40.72 -25.86
C CYS A 209 -23.29 -41.38 -26.64
N GLU A 210 -22.62 -40.59 -27.44
CA GLU A 210 -21.50 -41.11 -28.19
C GLU A 210 -20.47 -41.75 -27.22
N GLU A 211 -20.15 -41.08 -26.11
CA GLU A 211 -19.16 -41.63 -25.18
C GLU A 211 -19.62 -42.86 -24.44
N LEU A 212 -20.91 -42.88 -24.08
CA LEU A 212 -21.39 -44.04 -23.37
C LEU A 212 -21.33 -45.24 -24.33
N ARG A 213 -21.69 -44.96 -25.57
CA ARG A 213 -21.72 -45.96 -26.62
C ARG A 213 -20.29 -46.50 -26.83
N TYR A 214 -19.33 -45.60 -26.94
CA TYR A 214 -17.94 -45.96 -27.21
C TYR A 214 -17.20 -46.66 -26.09
N ALA A 215 -17.48 -46.30 -24.86
CA ALA A 215 -16.72 -46.91 -23.77
C ALA A 215 -17.45 -46.99 -22.45
N GLY A 216 -18.78 -46.95 -22.50
CA GLY A 216 -19.58 -46.98 -21.27
C GLY A 216 -19.36 -48.17 -20.35
N THR A 217 -18.91 -49.24 -20.99
CA THR A 217 -18.71 -50.50 -20.33
C THR A 217 -17.36 -50.63 -19.64
N GLU A 218 -16.40 -49.90 -20.17
CA GLU A 218 -15.03 -49.92 -19.68
C GLU A 218 -14.51 -48.74 -18.87
N ARG A 219 -14.77 -47.48 -19.25
CA ARG A 219 -14.20 -46.38 -18.43
C ARG A 219 -15.01 -46.08 -17.17
N ASP A 220 -14.34 -45.72 -16.09
CA ASP A 220 -15.08 -45.34 -14.88
C ASP A 220 -15.77 -44.04 -15.30
N ILE A 221 -16.92 -43.78 -14.71
CA ILE A 221 -17.77 -42.66 -15.07
C ILE A 221 -17.15 -41.26 -15.08
N LEU A 222 -16.27 -40.96 -14.14
CA LEU A 222 -15.62 -39.64 -14.09
C LEU A 222 -14.59 -39.50 -15.22
N THR A 223 -13.96 -40.60 -15.60
CA THR A 223 -13.02 -40.55 -16.72
C THR A 223 -13.86 -40.35 -17.99
N LEU A 224 -14.95 -41.07 -18.08
CA LEU A 224 -15.84 -40.99 -19.22
C LEU A 224 -16.45 -39.59 -19.37
N LEU A 225 -16.87 -39.00 -18.23
CA LEU A 225 -17.49 -37.68 -18.24
C LEU A 225 -16.41 -36.63 -18.57
N THR A 226 -15.15 -36.91 -18.19
CA THR A 226 -14.08 -35.99 -18.53
C THR A 226 -14.03 -35.89 -20.09
N PHE A 227 -14.15 -37.02 -20.78
CA PHE A 227 -14.09 -36.98 -22.25
C PHE A 227 -15.35 -36.41 -22.88
N VAL A 228 -16.47 -36.51 -22.15
CA VAL A 228 -17.72 -35.95 -22.60
C VAL A 228 -17.45 -34.42 -22.56
N CYS A 229 -16.84 -33.96 -21.45
CA CYS A 229 -16.52 -32.52 -21.34
C CYS A 229 -15.59 -32.09 -22.47
N GLN A 230 -14.61 -32.95 -22.76
CA GLN A 230 -13.66 -32.65 -23.83
C GLN A 230 -14.38 -32.57 -25.17
N LYS A 231 -15.29 -33.49 -25.44
CA LYS A 231 -15.99 -33.45 -26.73
C LYS A 231 -16.81 -32.17 -26.85
N VAL A 232 -17.65 -31.92 -25.84
CA VAL A 232 -18.46 -30.73 -25.77
C VAL A 232 -17.56 -29.48 -25.89
N ALA A 233 -16.44 -29.46 -25.18
CA ALA A 233 -15.56 -28.28 -25.23
C ALA A 233 -14.82 -28.06 -26.54
N LEU A 234 -14.53 -29.14 -27.24
CA LEU A 234 -13.77 -29.05 -28.49
C LEU A 234 -14.54 -29.16 -29.79
N ASP A 235 -15.54 -30.03 -29.86
CA ASP A 235 -16.19 -30.25 -31.14
C ASP A 235 -17.43 -29.48 -31.49
N PHE A 236 -17.87 -28.59 -30.61
CA PHE A 236 -19.06 -27.81 -30.87
C PHE A 236 -18.75 -26.35 -30.68
N GLU A 237 -19.45 -25.54 -31.47
CA GLU A 237 -19.31 -24.10 -31.47
C GLU A 237 -20.62 -23.60 -32.11
N SER A 238 -21.25 -22.60 -31.52
CA SER A 238 -22.52 -22.19 -32.07
C SER A 238 -22.41 -21.58 -33.46
N ASN A 239 -23.41 -21.88 -34.25
CA ASN A 239 -23.48 -21.26 -35.56
C ASN A 239 -24.73 -20.39 -35.55
N ALA A 240 -24.60 -19.08 -35.38
CA ALA A 240 -25.79 -18.20 -35.41
C ALA A 240 -25.47 -16.92 -36.16
N PRO A 241 -25.36 -16.98 -37.48
CA PRO A 241 -25.03 -15.74 -38.20
C PRO A 241 -26.03 -14.57 -38.04
N ASP A 242 -27.28 -14.87 -37.77
CA ASP A 242 -28.27 -13.81 -37.59
C ASP A 242 -28.04 -13.01 -36.30
N SER A 243 -27.32 -13.57 -35.34
CA SER A 243 -27.11 -12.84 -34.10
C SER A 243 -25.68 -12.92 -33.62
N ALA A 244 -24.90 -11.92 -33.99
CA ALA A 244 -23.49 -11.85 -33.66
C ALA A 244 -23.18 -12.27 -32.22
N MET A 245 -23.90 -11.72 -31.26
CA MET A 245 -23.58 -12.08 -29.90
C MET A 245 -23.77 -13.56 -29.56
N MET A 246 -24.63 -14.25 -30.31
CA MET A 246 -24.89 -15.65 -30.02
C MET A 246 -24.08 -16.55 -30.91
N HIS A 247 -23.23 -15.94 -31.72
CA HIS A 247 -22.47 -16.67 -32.71
C HIS A 247 -21.07 -17.11 -32.31
N GLN A 248 -20.76 -18.38 -32.68
CA GLN A 248 -19.45 -18.95 -32.41
C GLN A 248 -19.15 -19.02 -30.90
N GLN A 249 -20.20 -19.37 -30.16
CA GLN A 249 -20.08 -19.50 -28.73
C GLN A 249 -19.70 -20.95 -28.37
N LYS A 250 -19.05 -21.07 -27.21
CA LYS A 250 -18.52 -22.32 -26.68
C LYS A 250 -19.20 -22.79 -25.41
N GLN A 251 -18.97 -24.06 -25.06
CA GLN A 251 -19.58 -24.68 -23.86
C GLN A 251 -18.77 -25.81 -23.23
N VAL A 252 -18.76 -25.87 -21.90
CA VAL A 252 -18.15 -26.99 -21.15
C VAL A 252 -19.18 -27.46 -20.10
N PRO A 253 -19.31 -28.77 -19.87
CA PRO A 253 -20.29 -29.22 -18.87
C PRO A 253 -19.73 -29.02 -17.48
N CYS A 254 -20.55 -29.26 -16.47
CA CYS A 254 -20.15 -29.09 -15.07
C CYS A 254 -20.48 -30.40 -14.34
N ILE A 255 -19.44 -31.15 -13.98
CA ILE A 255 -19.63 -32.46 -13.34
C ILE A 255 -19.47 -32.33 -11.84
N THR A 256 -20.51 -32.65 -11.08
CA THR A 256 -20.46 -32.52 -9.61
C THR A 256 -20.49 -33.95 -8.99
N SER A 257 -19.43 -34.31 -8.29
CA SER A 257 -19.33 -35.65 -7.74
C SER A 257 -19.22 -35.79 -6.24
N MET A 258 -20.11 -36.61 -5.68
CA MET A 258 -20.07 -36.98 -4.26
C MET A 258 -19.76 -38.50 -4.21
N LEU A 259 -19.22 -39.03 -5.32
CA LEU A 259 -18.89 -40.47 -5.42
C LEU A 259 -17.74 -40.89 -4.48
N THR A 260 -17.95 -41.93 -3.69
CA THR A 260 -16.86 -42.38 -2.83
C THR A 260 -16.08 -43.59 -3.42
N ARG A 261 -16.60 -44.15 -4.53
CA ARG A 261 -15.96 -45.28 -5.19
C ARG A 261 -16.05 -45.08 -6.68
N LEU A 262 -15.22 -45.79 -7.41
CA LEU A 262 -15.21 -45.73 -8.86
C LEU A 262 -16.41 -46.49 -9.37
N LEU A 263 -16.95 -46.03 -10.50
CA LEU A 263 -18.12 -46.64 -11.09
C LEU A 263 -17.84 -47.09 -12.51
N VAL A 264 -17.75 -48.40 -12.71
CA VAL A 264 -17.52 -48.99 -14.03
C VAL A 264 -18.75 -49.84 -14.28
N PHE A 265 -19.43 -49.60 -15.39
CA PHE A 265 -20.64 -50.38 -15.66
C PHE A 265 -20.37 -51.84 -16.00
N GLY A 266 -19.43 -52.10 -16.88
CA GLY A 266 -19.15 -53.48 -17.23
C GLY A 266 -20.40 -54.20 -17.72
N LYS A 267 -20.43 -55.52 -17.50
CA LYS A 267 -21.51 -56.47 -17.86
C LYS A 267 -21.46 -56.77 -19.34
N ASP B 2 -28.97 -23.87 -34.34
CA ASP B 2 -28.55 -23.96 -32.94
C ASP B 2 -29.47 -23.08 -32.05
N GLU B 3 -29.91 -23.63 -30.94
CA GLU B 3 -30.75 -22.90 -29.99
C GLU B 3 -30.27 -23.18 -28.56
N VAL B 4 -30.66 -22.33 -27.61
CA VAL B 4 -30.25 -22.45 -26.20
C VAL B 4 -31.45 -22.96 -25.36
N ASP B 5 -31.16 -23.62 -24.24
CA ASP B 5 -32.18 -24.21 -23.34
C ASP B 5 -32.37 -23.49 -21.99
N VAL C 13 -5.05 -16.24 -30.13
CA VAL C 13 -5.46 -15.58 -28.84
C VAL C 13 -4.58 -16.08 -27.65
N ALA C 14 -4.38 -17.38 -27.52
CA ALA C 14 -3.52 -17.91 -26.46
C ALA C 14 -2.63 -19.04 -26.95
N ARG C 15 -1.56 -19.31 -26.23
CA ARG C 15 -0.66 -20.39 -26.62
C ARG C 15 -1.26 -21.78 -26.35
N MET C 16 -1.08 -22.69 -27.28
CA MET C 16 -1.56 -24.04 -27.15
C MET C 16 -0.58 -24.81 -26.21
N PRO C 17 -1.04 -25.24 -25.03
CA PRO C 17 -0.17 -25.97 -24.08
C PRO C 17 -0.10 -27.46 -24.31
N VAL C 18 -0.99 -28.00 -25.13
CA VAL C 18 -1.04 -29.42 -25.37
C VAL C 18 -1.89 -29.63 -26.62
N ASP C 19 -1.66 -30.70 -27.38
CA ASP C 19 -2.43 -30.86 -28.60
C ASP C 19 -3.92 -31.05 -28.39
N ARG C 20 -4.66 -30.69 -29.40
CA ARG C 20 -6.09 -30.71 -29.31
C ARG C 20 -6.76 -31.89 -28.65
N ASN C 21 -6.42 -33.10 -29.11
CA ASN C 21 -7.06 -34.32 -28.60
C ASN C 21 -6.31 -35.13 -27.56
N ALA C 22 -5.36 -34.52 -26.87
CA ALA C 22 -4.64 -35.27 -25.87
C ALA C 22 -5.56 -35.71 -24.72
N PRO C 23 -5.40 -36.96 -24.26
CA PRO C 23 -6.22 -37.45 -23.14
C PRO C 23 -5.70 -36.84 -21.84
N TYR C 24 -4.46 -36.41 -21.81
CA TYR C 24 -3.89 -35.85 -20.56
C TYR C 24 -3.47 -34.41 -20.68
N TYR C 25 -3.51 -33.64 -19.58
CA TYR C 25 -3.02 -32.25 -19.63
C TYR C 25 -1.51 -32.38 -19.70
N ASN C 26 -0.85 -31.38 -20.28
CA ASN C 26 0.61 -31.40 -20.37
C ASN C 26 1.15 -30.87 -19.06
N MET C 27 1.66 -31.78 -18.24
CA MET C 27 2.25 -31.40 -16.98
C MET C 27 3.75 -31.49 -17.10
N ASN C 28 4.30 -31.16 -18.26
CA ASN C 28 5.74 -31.23 -18.42
C ASN C 28 6.34 -29.87 -18.73
N HIS C 29 5.78 -28.81 -18.12
CA HIS C 29 6.28 -27.44 -18.28
C HIS C 29 7.49 -27.30 -17.35
N LYS C 30 8.22 -26.20 -17.48
CA LYS C 30 9.37 -25.96 -16.63
C LYS C 30 8.96 -26.00 -15.16
N HIS C 31 7.87 -25.31 -14.82
CA HIS C 31 7.40 -25.34 -13.41
C HIS C 31 6.05 -25.97 -13.25
N ARG C 32 5.83 -26.54 -12.07
CA ARG C 32 4.51 -27.10 -11.72
C ARG C 32 3.50 -25.92 -11.71
N GLY C 33 3.88 -24.86 -11.02
CA GLY C 33 3.00 -23.72 -10.93
C GLY C 33 2.86 -23.26 -9.48
N MET C 34 2.12 -22.18 -9.33
CA MET C 34 1.86 -21.59 -8.01
C MET C 34 0.72 -22.30 -7.28
N ALA C 35 0.90 -22.40 -5.96
CA ALA C 35 -0.09 -22.96 -5.04
C ALA C 35 -0.28 -21.87 -3.96
N ILE C 36 -1.44 -21.23 -3.95
CA ILE C 36 -1.68 -20.17 -2.97
C ILE C 36 -2.60 -20.71 -1.86
N ILE C 37 -2.17 -20.60 -0.63
CA ILE C 37 -3.00 -21.05 0.48
C ILE C 37 -3.46 -19.86 1.34
N PHE C 38 -4.76 -19.65 1.44
CA PHE C 38 -5.24 -18.59 2.29
C PHE C 38 -5.74 -19.30 3.51
N ASN C 39 -4.94 -19.21 4.56
CA ASN C 39 -5.21 -19.87 5.84
C ASN C 39 -5.72 -18.84 6.84
N HIS C 40 -6.92 -19.11 7.37
CA HIS C 40 -7.57 -18.16 8.31
C HIS C 40 -7.79 -18.76 9.65
N GLU C 41 -7.07 -18.28 10.65
CA GLU C 41 -7.24 -18.82 12.01
C GLU C 41 -8.04 -17.94 12.97
N HIS C 42 -7.94 -16.64 12.79
CA HIS C 42 -8.60 -15.72 13.69
C HIS C 42 -9.37 -14.69 12.88
N PHE C 43 -10.45 -14.18 13.46
CA PHE C 43 -11.32 -13.23 12.79
C PHE C 43 -11.68 -11.98 13.59
N ASP C 44 -11.79 -10.84 12.90
CA ASP C 44 -12.18 -9.58 13.52
C ASP C 44 -13.70 -9.46 13.50
N ILE C 45 -14.38 -10.60 13.39
CA ILE C 45 -15.84 -10.71 13.40
C ILE C 45 -16.20 -11.39 14.74
N HIS C 46 -16.83 -10.64 15.64
CA HIS C 46 -17.14 -11.15 16.96
C HIS C 46 -17.83 -12.51 17.06
N SER C 47 -18.68 -12.87 16.10
CA SER C 47 -19.40 -14.13 16.19
C SER C 47 -18.64 -15.38 15.71
N LEU C 48 -17.44 -15.15 15.20
CA LEU C 48 -16.63 -16.21 14.67
C LEU C 48 -15.50 -16.60 15.63
N LYS C 49 -15.52 -17.87 16.02
CA LYS C 49 -14.52 -18.42 16.92
C LYS C 49 -13.24 -18.74 16.16
N SER C 50 -12.13 -18.88 16.87
CA SER C 50 -10.89 -19.20 16.18
C SER C 50 -10.90 -20.63 15.61
N ARG C 51 -10.20 -20.79 14.51
CA ARG C 51 -10.20 -22.09 13.85
C ARG C 51 -8.97 -22.95 14.22
N THR C 52 -8.84 -23.24 15.52
CA THR C 52 -7.71 -24.03 16.02
C THR C 52 -7.63 -25.33 15.21
N GLY C 53 -6.42 -25.65 14.75
CA GLY C 53 -6.21 -26.84 13.92
C GLY C 53 -5.93 -26.54 12.43
N THR C 54 -6.37 -25.37 11.95
CA THR C 54 -6.18 -24.99 10.55
C THR C 54 -4.69 -24.86 10.20
N ASN C 55 -3.83 -24.57 11.19
CA ASN C 55 -2.41 -24.46 10.93
C ASN C 55 -1.83 -25.85 10.64
N VAL C 56 -2.45 -26.88 11.22
CA VAL C 56 -2.01 -28.22 10.92
C VAL C 56 -2.36 -28.49 9.41
N ASP C 57 -3.57 -28.08 8.95
CA ASP C 57 -3.96 -28.27 7.54
C ASP C 57 -3.01 -27.51 6.62
N SER C 58 -2.76 -26.25 6.97
CA SER C 58 -1.90 -25.41 6.18
C SER C 58 -0.49 -26.00 6.02
N ASP C 59 0.11 -26.45 7.12
CA ASP C 59 1.45 -27.02 7.09
C ASP C 59 1.50 -28.27 6.26
N ASN C 60 0.55 -29.14 6.54
CA ASN C 60 0.40 -30.41 5.86
C ASN C 60 0.20 -30.21 4.32
N LEU C 61 -0.67 -29.30 3.91
CA LEU C 61 -0.93 -29.13 2.48
C LEU C 61 0.30 -28.50 1.80
N SER C 62 0.87 -27.53 2.47
CA SER C 62 2.06 -26.87 1.98
C SER C 62 3.17 -27.91 1.75
N LYS C 63 3.37 -28.79 2.72
CA LYS C 63 4.41 -29.79 2.58
C LYS C 63 4.20 -30.76 1.41
N VAL C 64 2.99 -31.27 1.28
CA VAL C 64 2.78 -32.19 0.19
C VAL C 64 2.82 -31.50 -1.18
N LEU C 65 2.28 -30.29 -1.29
CA LEU C 65 2.32 -29.60 -2.56
C LEU C 65 3.77 -29.25 -2.98
N LYS C 66 4.67 -29.08 -2.02
CA LYS C 66 6.06 -28.78 -2.36
C LYS C 66 6.69 -30.02 -2.96
N THR C 67 6.44 -31.17 -2.37
CA THR C 67 7.02 -32.40 -2.91
C THR C 67 6.52 -32.68 -4.34
N LEU C 68 5.37 -32.09 -4.70
CA LEU C 68 4.78 -32.28 -6.01
C LEU C 68 5.28 -31.21 -6.97
N GLY C 69 6.10 -30.30 -6.46
CA GLY C 69 6.68 -29.26 -7.30
C GLY C 69 6.10 -27.86 -7.26
N PHE C 70 5.03 -27.64 -6.52
CA PHE C 70 4.40 -26.32 -6.44
C PHE C 70 5.29 -25.30 -5.72
N LYS C 71 5.23 -24.04 -6.13
CA LYS C 71 5.93 -23.00 -5.42
C LYS C 71 4.79 -22.54 -4.49
N VAL C 72 4.87 -22.91 -3.22
CA VAL C 72 3.81 -22.59 -2.27
C VAL C 72 3.90 -21.26 -1.56
N THR C 73 2.79 -20.52 -1.52
CA THR C 73 2.76 -19.28 -0.76
C THR C 73 1.53 -19.36 0.18
N VAL C 74 1.78 -19.27 1.49
CA VAL C 74 0.71 -19.30 2.49
C VAL C 74 0.40 -17.85 2.94
N PHE C 75 -0.86 -17.42 2.83
CA PHE C 75 -1.25 -16.07 3.24
C PHE C 75 -2.07 -16.19 4.49
N PRO C 76 -1.45 -15.89 5.65
CA PRO C 76 -2.16 -16.00 6.91
C PRO C 76 -3.07 -14.82 7.25
N ASN C 77 -4.34 -15.14 7.51
CA ASN C 77 -5.36 -14.18 7.92
C ASN C 77 -5.53 -12.85 7.21
N LEU C 78 -5.70 -12.87 5.90
CA LEU C 78 -5.85 -11.65 5.17
C LEU C 78 -7.29 -11.12 5.23
N LYS C 79 -7.43 -9.82 4.99
CA LYS C 79 -8.71 -9.13 4.92
C LYS C 79 -9.22 -9.43 3.50
N SER C 80 -10.51 -9.29 3.28
CA SER C 80 -11.07 -9.58 1.97
C SER C 80 -10.42 -8.88 0.77
N GLU C 81 -10.01 -7.63 0.98
CA GLU C 81 -9.42 -6.87 -0.09
C GLU C 81 -8.02 -7.37 -0.39
N GLU C 82 -7.39 -7.95 0.63
CA GLU C 82 -6.05 -8.46 0.48
C GLU C 82 -6.08 -9.73 -0.34
N ILE C 83 -7.03 -10.61 -0.04
CA ILE C 83 -7.16 -11.84 -0.79
C ILE C 83 -7.47 -11.45 -2.25
N ASN C 84 -8.44 -10.56 -2.43
CA ASN C 84 -8.81 -10.16 -3.76
C ASN C 84 -7.65 -9.58 -4.54
N LYS C 85 -6.81 -8.81 -3.87
CA LYS C 85 -5.66 -8.18 -4.51
C LYS C 85 -4.63 -9.22 -4.99
N PHE C 86 -4.22 -10.11 -4.09
CA PHE C 86 -3.27 -11.14 -4.43
C PHE C 86 -3.81 -12.08 -5.53
N ILE C 87 -5.13 -12.30 -5.55
CA ILE C 87 -5.75 -13.14 -6.54
C ILE C 87 -5.60 -12.47 -7.89
N GLN C 88 -5.93 -11.18 -7.97
CA GLN C 88 -5.81 -10.46 -9.22
C GLN C 88 -4.35 -10.42 -9.70
N GLN C 89 -3.42 -10.20 -8.79
CA GLN C 89 -2.03 -10.13 -9.21
C GLN C 89 -1.58 -11.48 -9.73
N THR C 90 -2.10 -12.53 -9.11
CA THR C 90 -1.75 -13.86 -9.53
C THR C 90 -2.33 -14.07 -10.94
N ALA C 91 -3.56 -13.60 -11.15
CA ALA C 91 -4.21 -13.76 -12.45
C ALA C 91 -3.55 -12.91 -13.53
N GLU C 92 -2.72 -11.99 -13.08
CA GLU C 92 -2.03 -11.06 -13.95
C GLU C 92 -0.63 -11.50 -14.25
N MET C 93 -0.13 -12.51 -13.56
CA MET C 93 1.22 -12.98 -13.82
C MET C 93 1.31 -13.80 -15.11
N ASP C 94 2.52 -14.11 -15.52
CA ASP C 94 2.70 -14.89 -16.72
C ASP C 94 2.89 -16.36 -16.34
N HIS C 95 1.86 -17.16 -16.63
CA HIS C 95 1.87 -18.58 -16.29
C HIS C 95 2.35 -19.50 -17.40
N SER C 96 2.93 -18.89 -18.44
CA SER C 96 3.42 -19.64 -19.60
C SER C 96 4.25 -20.86 -19.25
N ASP C 97 5.12 -20.76 -18.28
CA ASP C 97 5.96 -21.92 -17.95
C ASP C 97 5.49 -22.78 -16.80
N ALA C 98 4.22 -22.63 -16.41
CA ALA C 98 3.63 -23.45 -15.33
C ALA C 98 2.62 -24.48 -15.88
N ASP C 99 2.57 -25.66 -15.26
CA ASP C 99 1.61 -26.68 -15.67
C ASP C 99 0.18 -26.30 -15.27
N CYS C 100 0.04 -25.59 -14.14
CA CYS C 100 -1.28 -25.32 -13.56
C CYS C 100 -1.25 -24.27 -12.43
N LEU C 101 -2.41 -24.09 -11.79
CA LEU C 101 -2.54 -23.17 -10.65
C LEU C 101 -3.43 -23.89 -9.64
N LEU C 102 -3.06 -23.73 -8.38
CA LEU C 102 -3.79 -24.31 -7.28
C LEU C 102 -4.03 -23.20 -6.27
N VAL C 103 -5.29 -23.03 -5.88
CA VAL C 103 -5.62 -22.04 -4.84
C VAL C 103 -6.36 -22.86 -3.72
N ALA C 104 -6.00 -22.65 -2.45
CA ALA C 104 -6.68 -23.32 -1.34
C ALA C 104 -7.19 -22.27 -0.32
N VAL C 105 -8.35 -22.50 0.27
CA VAL C 105 -8.86 -21.58 1.24
C VAL C 105 -9.33 -22.39 2.43
N LEU C 106 -8.85 -22.03 3.62
CA LEU C 106 -9.17 -22.72 4.88
C LEU C 106 -9.80 -21.63 5.77
N THR C 107 -11.12 -21.71 5.98
CA THR C 107 -11.81 -20.63 6.70
C THR C 107 -13.25 -20.97 7.13
N HIS C 108 -13.98 -19.98 7.65
CA HIS C 108 -15.41 -20.19 8.02
C HIS C 108 -16.28 -19.85 6.78
N GLY C 109 -17.41 -20.53 6.66
CA GLY C 109 -18.31 -20.28 5.55
C GLY C 109 -19.80 -20.53 5.84
N GLU C 110 -20.60 -20.08 4.88
CA GLU C 110 -22.04 -20.22 4.86
C GLU C 110 -22.35 -20.54 3.40
N LEU C 111 -23.59 -20.85 3.08
CA LEU C 111 -23.88 -21.18 1.68
C LEU C 111 -23.57 -19.95 0.83
N GLY C 112 -22.72 -20.13 -0.19
CA GLY C 112 -22.35 -19.05 -1.10
C GLY C 112 -21.48 -18.04 -0.40
N MET C 113 -20.79 -18.44 0.66
CA MET C 113 -19.99 -17.44 1.35
C MET C 113 -18.73 -17.97 2.05
N LEU C 114 -17.66 -17.18 1.94
CA LEU C 114 -16.41 -17.45 2.61
C LEU C 114 -16.05 -16.21 3.47
N TYR C 115 -15.37 -16.40 4.59
CA TYR C 115 -14.98 -15.28 5.43
C TYR C 115 -13.50 -14.96 5.34
N ALA C 116 -13.20 -13.68 5.21
CA ALA C 116 -11.83 -13.20 5.24
C ALA C 116 -11.64 -12.86 6.72
N LYS C 117 -10.60 -12.10 7.07
CA LYS C 117 -10.41 -11.75 8.47
C LYS C 117 -11.47 -10.76 8.91
N ASP C 118 -11.78 -9.82 8.03
CA ASP C 118 -12.74 -8.75 8.29
C ASP C 118 -14.17 -8.92 7.81
N THR C 119 -14.41 -9.53 6.66
CA THR C 119 -15.78 -9.64 6.18
C THR C 119 -15.88 -10.81 5.21
N HIS C 120 -17.04 -11.05 4.62
CA HIS C 120 -17.20 -12.19 3.70
C HIS C 120 -17.25 -11.82 2.22
N TYR C 121 -16.98 -12.80 1.36
CA TYR C 121 -17.03 -12.60 -0.07
C TYR C 121 -17.58 -13.88 -0.70
N LYS C 122 -17.93 -13.79 -1.98
CA LYS C 122 -18.46 -14.94 -2.68
C LYS C 122 -17.30 -15.82 -3.14
N PRO C 123 -17.42 -17.13 -2.90
CA PRO C 123 -16.41 -18.13 -3.29
C PRO C 123 -16.00 -17.95 -4.78
N ASP C 124 -16.98 -17.64 -5.65
CA ASP C 124 -16.76 -17.43 -7.09
C ASP C 124 -15.65 -16.41 -7.34
N ASN C 125 -15.43 -15.55 -6.37
CA ASN C 125 -14.36 -14.59 -6.51
C ASN C 125 -13.01 -15.25 -6.67
N LEU C 126 -12.82 -16.45 -6.10
CA LEU C 126 -11.51 -17.12 -6.17
C LEU C 126 -11.06 -17.53 -7.60
N TRP C 127 -12.01 -18.00 -8.40
CA TRP C 127 -11.74 -18.45 -9.75
C TRP C 127 -12.17 -17.50 -10.89
N TYR C 128 -12.94 -16.46 -10.54
CA TYR C 128 -13.43 -15.49 -11.51
C TYR C 128 -12.34 -14.96 -12.44
N TYR C 129 -11.23 -14.50 -11.87
CA TYR C 129 -10.11 -13.94 -12.65
C TYR C 129 -9.23 -14.92 -13.42
N PHE C 130 -9.54 -16.21 -13.35
CA PHE C 130 -8.71 -17.16 -14.05
C PHE C 130 -9.33 -17.78 -15.27
N THR C 131 -10.48 -17.27 -15.71
CA THR C 131 -11.04 -17.82 -16.93
C THR C 131 -10.06 -17.50 -18.09
N ALA C 132 -10.06 -18.30 -19.15
CA ALA C 132 -9.08 -18.12 -20.25
C ALA C 132 -8.97 -16.71 -20.84
N ASP C 133 -10.08 -15.99 -20.93
CA ASP C 133 -10.01 -14.64 -21.45
C ASP C 133 -9.26 -13.70 -20.52
N LYS C 134 -9.40 -13.88 -19.21
CA LYS C 134 -8.72 -13.00 -18.25
C LYS C 134 -7.29 -13.43 -17.94
N CYS C 135 -7.02 -14.73 -18.06
CA CYS C 135 -5.69 -15.28 -17.80
C CYS C 135 -5.28 -16.30 -18.90
N PRO C 136 -4.96 -15.79 -20.11
CA PRO C 136 -4.55 -16.55 -21.29
C PRO C 136 -3.37 -17.50 -21.04
N THR C 137 -2.39 -17.13 -20.23
CA THR C 137 -1.26 -18.04 -20.01
C THR C 137 -1.55 -19.32 -19.21
N LEU C 138 -2.80 -19.49 -18.72
CA LEU C 138 -3.16 -20.73 -18.05
C LEU C 138 -4.24 -21.33 -18.94
N ALA C 139 -4.43 -20.74 -20.12
CA ALA C 139 -5.45 -21.28 -21.01
C ALA C 139 -5.07 -22.69 -21.47
N GLY C 140 -6.01 -23.61 -21.29
CA GLY C 140 -5.82 -25.00 -21.66
C GLY C 140 -5.16 -25.78 -20.55
N LYS C 141 -4.87 -25.09 -19.46
CA LYS C 141 -4.22 -25.72 -18.30
C LYS C 141 -5.17 -25.86 -17.09
N PRO C 142 -4.96 -26.88 -16.26
CA PRO C 142 -5.82 -27.06 -15.09
C PRO C 142 -5.68 -25.99 -14.00
N LYS C 143 -6.82 -25.49 -13.54
CA LYS C 143 -6.89 -24.48 -12.48
C LYS C 143 -7.67 -25.14 -11.33
N LEU C 144 -6.94 -25.43 -10.25
CA LEU C 144 -7.47 -26.12 -9.08
C LEU C 144 -7.83 -25.27 -7.86
N PHE C 145 -8.99 -25.57 -7.28
CA PHE C 145 -9.45 -24.83 -6.13
C PHE C 145 -9.91 -25.77 -5.02
N PHE C 146 -9.35 -25.59 -3.82
CA PHE C 146 -9.73 -26.42 -2.71
C PHE C 146 -10.28 -25.56 -1.60
N ILE C 147 -11.47 -25.89 -1.14
CA ILE C 147 -12.08 -25.08 -0.11
C ILE C 147 -12.49 -25.81 1.13
N GLN C 148 -11.83 -25.49 2.24
CA GLN C 148 -12.21 -26.07 3.54
C GLN C 148 -12.98 -24.95 4.24
N ALA C 149 -14.30 -25.12 4.35
CA ALA C 149 -15.21 -24.14 4.98
C ALA C 149 -16.63 -24.71 4.92
N CYS C 150 -17.51 -24.27 5.83
CA CYS C 150 -18.88 -24.79 5.80
C CYS C 150 -19.61 -24.13 4.65
N GLN C 151 -20.60 -24.83 4.09
CA GLN C 151 -21.41 -24.29 3.00
C GLN C 151 -22.85 -24.18 3.55
N GLY C 152 -22.95 -24.08 4.88
CA GLY C 152 -24.24 -24.00 5.53
C GLY C 152 -24.21 -24.66 6.89
N ASP C 153 -25.37 -24.86 7.49
CA ASP C 153 -25.44 -25.45 8.81
C ASP C 153 -26.24 -26.71 8.87
N ARG C 154 -26.44 -27.40 7.76
CA ARG C 154 -27.18 -28.63 7.84
C ARG C 154 -26.25 -29.78 8.32
N LEU C 155 -26.82 -30.82 8.92
CA LEU C 155 -26.03 -31.93 9.45
C LEU C 155 -26.40 -33.19 8.73
N ASP C 156 -25.44 -34.11 8.60
CA ASP C 156 -25.64 -35.38 7.91
C ASP C 156 -25.49 -36.47 8.99
N GLY C 157 -26.62 -37.01 9.44
CA GLY C 157 -26.60 -38.01 10.49
C GLY C 157 -26.05 -39.36 10.06
N GLY C 158 -25.76 -39.49 8.76
CA GLY C 158 -25.24 -40.74 8.24
C GLY C 158 -26.21 -41.91 8.37
N ILE C 159 -25.84 -43.06 7.85
CA ILE C 159 -26.67 -44.26 7.97
C ILE C 159 -25.71 -45.44 8.10
N THR C 160 -26.11 -46.45 8.86
CA THR C 160 -25.29 -47.64 9.05
C THR C 160 -25.62 -48.67 7.99
N LEU C 161 -24.62 -49.26 7.37
CA LEU C 161 -24.83 -50.30 6.36
C LEU C 161 -24.44 -51.62 7.03
N SER C 162 -25.26 -52.67 6.89
CA SER C 162 -24.96 -53.96 7.56
C SER C 162 -24.97 -55.25 6.74
N ARG C 163 -24.38 -56.28 7.35
CA ARG C 163 -24.30 -57.64 6.81
C ARG C 163 -23.48 -57.71 5.53
N THR C 172 -3.21 -27.22 -35.63
CA THR C 172 -2.71 -25.87 -35.91
C THR C 172 -3.21 -24.86 -34.85
N SER C 173 -4.50 -24.98 -34.53
CA SER C 173 -5.12 -24.12 -33.55
C SER C 173 -6.51 -24.69 -33.31
N TYR C 174 -6.96 -24.60 -32.06
CA TYR C 174 -8.29 -25.09 -31.73
C TYR C 174 -8.85 -24.17 -30.64
N ARG C 175 -10.18 -24.13 -30.54
CA ARG C 175 -10.86 -23.27 -29.58
C ARG C 175 -11.49 -24.01 -28.45
N ILE C 176 -11.40 -23.42 -27.26
CA ILE C 176 -11.98 -23.99 -26.03
C ILE C 176 -12.82 -22.96 -25.31
N PRO C 177 -13.70 -23.41 -24.40
CA PRO C 177 -14.58 -22.47 -23.65
C PRO C 177 -13.69 -21.79 -22.62
N VAL C 178 -13.94 -20.53 -22.31
CA VAL C 178 -13.11 -19.86 -21.33
C VAL C 178 -13.35 -20.37 -19.92
N HIS C 179 -14.43 -21.14 -19.73
CA HIS C 179 -14.74 -21.72 -18.41
C HIS C 179 -14.30 -23.15 -18.25
N ALA C 180 -13.65 -23.70 -19.26
CA ALA C 180 -13.20 -25.09 -19.19
C ALA C 180 -11.97 -25.15 -18.32
N ASP C 181 -11.72 -26.35 -17.81
CA ASP C 181 -10.51 -26.66 -17.07
C ASP C 181 -10.35 -26.20 -15.65
N PHE C 182 -11.48 -26.13 -14.99
CA PHE C 182 -11.50 -25.76 -13.58
C PHE C 182 -11.92 -27.02 -12.82
N LEU C 183 -11.31 -27.17 -11.65
CA LEU C 183 -11.65 -28.24 -10.74
C LEU C 183 -11.87 -27.49 -9.44
N ILE C 184 -13.07 -27.65 -8.87
CA ILE C 184 -13.38 -26.95 -7.65
C ILE C 184 -13.89 -27.94 -6.64
N ALA C 185 -13.02 -28.16 -5.65
CA ALA C 185 -13.29 -29.09 -4.58
C ALA C 185 -13.65 -28.46 -3.22
N PHE C 186 -14.90 -28.70 -2.82
CA PHE C 186 -15.39 -28.23 -1.52
C PHE C 186 -15.37 -29.42 -0.55
N SER C 187 -14.95 -29.15 0.66
CA SER C 187 -14.88 -30.11 1.76
C SER C 187 -16.24 -30.73 2.03
N THR C 188 -17.29 -30.01 1.66
CA THR C 188 -18.63 -30.47 1.95
C THR C 188 -19.64 -30.06 0.87
N VAL C 189 -20.81 -30.67 0.97
CA VAL C 189 -21.93 -30.47 0.07
C VAL C 189 -22.62 -29.10 0.33
N PRO C 190 -23.20 -28.48 -0.72
CA PRO C 190 -23.84 -27.19 -0.41
C PRO C 190 -24.90 -27.31 0.66
N GLY C 191 -24.89 -26.34 1.58
CA GLY C 191 -25.83 -26.32 2.69
C GLY C 191 -25.34 -26.96 3.99
N TYR C 192 -24.25 -27.73 3.92
CA TYR C 192 -23.78 -28.46 5.10
C TYR C 192 -22.59 -27.95 5.87
N PHE C 193 -22.51 -28.38 7.12
CA PHE C 193 -21.38 -28.06 7.99
C PHE C 193 -20.17 -28.84 7.43
N SER C 194 -18.98 -28.38 7.84
CA SER C 194 -17.72 -29.01 7.44
C SER C 194 -16.97 -29.21 8.75
N TRP C 195 -16.43 -30.40 8.96
CA TRP C 195 -15.74 -30.67 10.22
C TRP C 195 -14.23 -30.53 10.25
N ARG C 196 -13.77 -30.01 11.39
CA ARG C 196 -12.37 -29.75 11.70
C ARG C 196 -11.99 -30.28 13.11
N ASN C 197 -10.89 -31.00 13.22
CA ASN C 197 -10.46 -31.43 14.55
C ASN C 197 -9.38 -30.44 14.98
N THR C 198 -9.47 -29.93 16.21
CA THR C 198 -8.49 -28.93 16.68
C THR C 198 -7.07 -29.43 16.78
N THR C 199 -6.85 -30.74 16.83
CA THR C 199 -5.47 -31.13 16.90
C THR C 199 -4.95 -31.73 15.59
N ARG C 200 -5.83 -32.38 14.80
CA ARG C 200 -5.40 -32.98 13.55
C ARG C 200 -5.77 -32.21 12.27
N GLY C 201 -6.50 -31.11 12.40
CA GLY C 201 -6.91 -30.37 11.23
C GLY C 201 -8.25 -30.83 10.65
N SER C 202 -8.64 -30.28 9.49
CA SER C 202 -9.94 -30.68 8.94
C SER C 202 -9.97 -32.10 8.35
N TRP C 203 -11.16 -32.69 8.35
CA TRP C 203 -11.32 -34.02 7.80
C TRP C 203 -10.87 -33.99 6.34
N PHE C 204 -11.42 -33.05 5.57
CA PHE C 204 -11.10 -32.90 4.17
C PHE C 204 -9.58 -32.78 3.92
N MET C 205 -8.92 -31.84 4.59
CA MET C 205 -7.50 -31.66 4.43
C MET C 205 -6.67 -32.86 4.93
N GLN C 206 -7.12 -33.55 5.98
CA GLN C 206 -6.38 -34.73 6.43
C GLN C 206 -6.41 -35.79 5.33
N ALA C 207 -7.60 -36.00 4.78
CA ALA C 207 -7.75 -36.99 3.74
C ALA C 207 -7.07 -36.55 2.45
N LEU C 208 -7.20 -35.28 2.08
CA LEU C 208 -6.59 -34.79 0.86
C LEU C 208 -5.05 -34.97 0.88
N CYS C 209 -4.41 -34.52 1.97
CA CYS C 209 -2.97 -34.61 2.13
C CYS C 209 -2.46 -36.05 2.15
N GLU C 210 -3.21 -36.93 2.82
CA GLU C 210 -2.85 -38.34 2.86
C GLU C 210 -2.91 -38.98 1.47
N GLU C 211 -3.95 -38.71 0.70
CA GLU C 211 -4.06 -39.31 -0.63
C GLU C 211 -3.01 -38.75 -1.59
N LEU C 212 -2.71 -37.46 -1.44
CA LEU C 212 -1.68 -36.81 -2.25
C LEU C 212 -0.31 -37.38 -1.90
N ARG C 213 -0.06 -37.66 -0.61
CA ARG C 213 1.22 -38.26 -0.25
C ARG C 213 1.37 -39.67 -0.85
N TYR C 214 0.32 -40.49 -0.78
CA TYR C 214 0.32 -41.86 -1.30
C TYR C 214 0.35 -42.03 -2.82
N ALA C 215 -0.48 -41.29 -3.55
CA ALA C 215 -0.51 -41.49 -5.01
C ALA C 215 -0.56 -40.22 -5.85
N GLY C 216 -0.22 -39.09 -5.23
CA GLY C 216 -0.26 -37.80 -5.89
C GLY C 216 0.47 -37.66 -7.22
N THR C 217 1.47 -38.49 -7.41
CA THR C 217 2.28 -38.45 -8.63
C THR C 217 1.74 -39.32 -9.75
N GLU C 218 1.03 -40.39 -9.39
CA GLU C 218 0.59 -41.36 -10.38
C GLU C 218 -0.87 -41.52 -10.66
N ARG C 219 -1.72 -41.01 -9.79
CA ARG C 219 -3.15 -41.20 -9.98
C ARG C 219 -3.80 -39.95 -10.57
N ASP C 220 -4.79 -40.12 -11.46
CA ASP C 220 -5.45 -38.93 -12.00
C ASP C 220 -6.31 -38.26 -10.88
N ILE C 221 -6.40 -36.93 -10.98
CA ILE C 221 -7.04 -36.07 -10.01
C ILE C 221 -8.45 -36.48 -9.62
N LEU C 222 -9.31 -36.77 -10.62
CA LEU C 222 -10.66 -37.20 -10.29
C LEU C 222 -10.67 -38.51 -9.48
N THR C 223 -9.83 -39.48 -9.87
CA THR C 223 -9.79 -40.76 -9.16
C THR C 223 -9.27 -40.57 -7.75
N LEU C 224 -8.32 -39.66 -7.65
CA LEU C 224 -7.70 -39.33 -6.38
C LEU C 224 -8.72 -38.67 -5.43
N LEU C 225 -9.48 -37.70 -5.94
CA LEU C 225 -10.48 -37.03 -5.13
C LEU C 225 -11.64 -37.99 -4.83
N THR C 226 -11.83 -39.03 -5.66
CA THR C 226 -12.86 -40.01 -5.36
C THR C 226 -12.43 -40.73 -4.07
N PHE C 227 -11.17 -41.12 -3.96
CA PHE C 227 -10.73 -41.77 -2.76
C PHE C 227 -10.61 -40.80 -1.58
N VAL C 228 -10.41 -39.53 -1.86
CA VAL C 228 -10.38 -38.56 -0.79
C VAL C 228 -11.83 -38.56 -0.18
N CYS C 229 -12.86 -38.65 -1.04
CA CYS C 229 -14.26 -38.65 -0.60
C CYS C 229 -14.60 -39.89 0.23
N GLN C 230 -14.03 -41.00 -0.18
CA GLN C 230 -14.22 -42.25 0.51
C GLN C 230 -13.63 -42.16 1.90
N LYS C 231 -12.42 -41.66 1.98
CA LYS C 231 -11.78 -41.54 3.26
C LYS C 231 -12.64 -40.64 4.17
N VAL C 232 -12.99 -39.44 3.71
CA VAL C 232 -13.81 -38.51 4.51
C VAL C 232 -15.16 -39.16 4.89
N ALA C 233 -15.75 -39.89 3.96
CA ALA C 233 -17.06 -40.51 4.19
C ALA C 233 -17.06 -41.66 5.14
N LEU C 234 -15.96 -42.43 5.13
CA LEU C 234 -15.86 -43.63 5.98
C LEU C 234 -15.08 -43.52 7.28
N ASP C 235 -13.91 -42.90 7.23
CA ASP C 235 -13.06 -42.84 8.42
C ASP C 235 -13.28 -41.70 9.41
N PHE C 236 -14.29 -40.88 9.19
CA PHE C 236 -14.55 -39.80 10.10
C PHE C 236 -15.99 -39.82 10.51
N GLU C 237 -16.17 -39.46 11.77
CA GLU C 237 -17.47 -39.33 12.37
C GLU C 237 -17.26 -38.37 13.54
N SER C 238 -18.16 -37.41 13.67
CA SER C 238 -17.99 -36.43 14.72
C SER C 238 -18.19 -37.02 16.11
N ASN C 239 -17.50 -36.42 17.06
CA ASN C 239 -17.64 -36.80 18.44
C ASN C 239 -17.77 -35.50 19.21
N ALA C 240 -18.98 -35.27 19.70
CA ALA C 240 -19.31 -34.08 20.46
C ALA C 240 -20.38 -34.51 21.46
N PRO C 241 -19.97 -35.24 22.50
CA PRO C 241 -20.92 -35.72 23.53
C PRO C 241 -21.70 -34.61 24.26
N ASP C 242 -21.15 -33.41 24.27
CA ASP C 242 -21.82 -32.28 24.90
C ASP C 242 -23.01 -31.73 24.07
N SER C 243 -23.08 -32.05 22.78
CA SER C 243 -24.20 -31.53 21.97
C SER C 243 -24.71 -32.64 21.09
N ALA C 244 -25.74 -33.33 21.56
CA ALA C 244 -26.27 -34.46 20.84
C ALA C 244 -26.51 -34.19 19.37
N MET C 245 -27.09 -33.05 19.03
CA MET C 245 -27.37 -32.83 17.62
C MET C 245 -26.10 -32.78 16.74
N MET C 246 -24.96 -32.36 17.29
CA MET C 246 -23.69 -32.28 16.55
C MET C 246 -22.88 -33.59 16.67
N HIS C 247 -23.39 -34.54 17.43
CA HIS C 247 -22.69 -35.76 17.69
C HIS C 247 -22.91 -36.90 16.69
N GLN C 248 -21.82 -37.60 16.37
CA GLN C 248 -21.83 -38.74 15.44
C GLN C 248 -22.29 -38.34 14.07
N GLN C 249 -21.88 -37.16 13.62
CA GLN C 249 -22.30 -36.70 12.31
C GLN C 249 -21.26 -37.11 11.25
N LYS C 250 -21.71 -37.16 10.01
CA LYS C 250 -20.90 -37.58 8.86
C LYS C 250 -20.73 -36.44 7.86
N GLN C 251 -19.89 -36.68 6.87
CA GLN C 251 -19.58 -35.67 5.87
C GLN C 251 -19.00 -36.28 4.63
N VAL C 252 -19.38 -35.71 3.49
CA VAL C 252 -18.81 -36.10 2.21
C VAL C 252 -18.45 -34.82 1.41
N PRO C 253 -17.29 -34.82 0.74
CA PRO C 253 -16.85 -33.65 -0.05
C PRO C 253 -17.72 -33.53 -1.32
N CYS C 254 -17.58 -32.38 -2.00
CA CYS C 254 -18.32 -32.06 -3.23
C CYS C 254 -17.25 -31.60 -4.26
N ILE C 255 -17.05 -32.42 -5.28
CA ILE C 255 -16.02 -32.19 -6.27
C ILE C 255 -16.69 -31.72 -7.53
N THR C 256 -16.36 -30.49 -7.95
CA THR C 256 -16.95 -29.93 -9.16
C THR C 256 -15.88 -29.84 -10.23
N SER C 257 -16.13 -30.51 -11.35
CA SER C 257 -15.14 -30.53 -12.40
C SER C 257 -15.63 -30.10 -13.76
N MET C 258 -14.82 -29.23 -14.35
CA MET C 258 -14.98 -28.72 -15.72
C MET C 258 -13.74 -29.21 -16.51
N LEU C 259 -12.97 -30.13 -15.93
CA LEU C 259 -11.77 -30.66 -16.60
C LEU C 259 -12.06 -31.35 -17.91
N THR C 260 -11.35 -30.94 -18.96
CA THR C 260 -11.56 -31.52 -20.29
C THR C 260 -10.52 -32.63 -20.61
N ARG C 261 -9.55 -32.82 -19.72
CA ARG C 261 -8.54 -33.83 -19.90
C ARG C 261 -8.25 -34.42 -18.52
N LEU C 262 -7.51 -35.53 -18.49
CA LEU C 262 -7.18 -36.18 -17.24
C LEU C 262 -5.98 -35.46 -16.67
N LEU C 263 -5.92 -35.39 -15.36
CA LEU C 263 -4.80 -34.74 -14.71
C LEU C 263 -3.96 -35.69 -13.83
N VAL C 264 -2.76 -35.99 -14.31
CA VAL C 264 -1.81 -36.82 -13.57
C VAL C 264 -0.58 -35.94 -13.40
N PHE C 265 -0.19 -35.64 -12.16
CA PHE C 265 0.94 -34.76 -11.94
C PHE C 265 2.31 -35.20 -12.50
N GLY C 266 2.63 -36.49 -12.33
CA GLY C 266 3.90 -37.01 -12.80
C GLY C 266 4.95 -36.49 -11.85
N LYS C 267 6.21 -36.56 -12.23
CA LYS C 267 7.26 -36.03 -11.37
C LYS C 267 7.99 -35.04 -12.25
N LYS C 268 8.30 -33.88 -11.71
CA LYS C 268 9.03 -32.90 -12.45
C LYS C 268 10.45 -33.48 -12.68
N ASP D 2 -13.60 -32.00 18.00
CA ASP D 2 -14.29 -31.77 16.73
C ASP D 2 -15.11 -30.46 16.70
N GLU D 3 -14.90 -29.65 15.66
CA GLU D 3 -15.66 -28.41 15.53
C GLU D 3 -16.09 -28.20 14.09
N VAL D 4 -17.03 -27.28 13.90
CA VAL D 4 -17.47 -26.91 12.55
C VAL D 4 -16.92 -25.57 11.97
N ASP D 5 -16.85 -25.49 10.65
CA ASP D 5 -16.34 -24.30 9.96
C ASP D 5 -17.46 -23.51 9.27
N ARG E 12 31.46 77.74 -3.60
CA ARG E 12 31.58 77.40 -5.05
C ARG E 12 32.92 76.71 -5.43
N VAL E 13 34.07 77.31 -5.10
CA VAL E 13 35.39 76.72 -5.43
C VAL E 13 36.45 76.74 -4.32
N ALA E 14 37.10 75.60 -4.07
CA ALA E 14 38.15 75.53 -3.03
C ALA E 14 39.46 75.01 -3.60
N ARG E 15 40.56 75.22 -2.87
CA ARG E 15 41.85 74.69 -3.31
C ARG E 15 41.83 73.16 -3.29
N MET E 16 42.29 72.55 -4.36
CA MET E 16 42.34 71.12 -4.44
C MET E 16 43.52 70.68 -3.54
N PRO E 17 43.26 69.90 -2.48
CA PRO E 17 44.38 69.50 -1.63
C PRO E 17 45.07 68.20 -2.08
N VAL E 18 44.44 67.43 -2.97
CA VAL E 18 45.02 66.15 -3.39
C VAL E 18 44.46 65.89 -4.77
N ASP E 19 45.05 64.99 -5.55
CA ASP E 19 44.53 64.81 -6.90
C ASP E 19 43.31 63.94 -6.90
N ARG E 20 42.49 64.14 -7.92
CA ARG E 20 41.20 63.47 -8.04
C ARG E 20 41.14 62.01 -7.59
N ASN E 21 41.91 61.16 -8.24
CA ASN E 21 41.87 59.76 -7.90
C ASN E 21 42.88 59.22 -6.89
N ALA E 22 43.45 60.08 -6.06
CA ALA E 22 44.40 59.59 -5.07
C ALA E 22 43.78 58.66 -4.01
N PRO E 23 44.43 57.51 -3.75
CA PRO E 23 44.02 56.49 -2.77
C PRO E 23 44.14 57.05 -1.37
N TYR E 24 45.04 58.03 -1.19
CA TYR E 24 45.25 58.64 0.14
C TYR E 24 45.06 60.16 0.25
N TYR E 25 44.55 60.62 1.40
CA TYR E 25 44.44 62.07 1.62
C TYR E 25 45.88 62.58 1.59
N ASN E 26 46.07 63.86 1.31
CA ASN E 26 47.40 64.43 1.28
C ASN E 26 47.74 64.89 2.68
N MET E 27 48.63 64.14 3.34
CA MET E 27 49.05 64.44 4.69
C MET E 27 50.45 65.09 4.67
N ASN E 28 50.75 65.88 3.62
CA ASN E 28 52.04 66.53 3.56
C ASN E 28 51.97 68.04 3.65
N HIS E 29 50.92 68.58 4.29
CA HIS E 29 50.84 70.04 4.48
C HIS E 29 51.90 70.45 5.56
N LYS E 30 52.17 71.75 5.71
CA LYS E 30 53.15 72.19 6.71
C LYS E 30 52.78 71.75 8.07
N HIS E 31 51.48 71.84 8.38
CA HIS E 31 50.95 71.47 9.71
C HIS E 31 49.96 70.35 9.68
N ARG E 32 49.97 69.51 10.71
CA ARG E 32 49.00 68.42 10.83
C ARG E 32 47.60 69.06 10.94
N GLY E 33 47.55 70.09 11.77
CA GLY E 33 46.32 70.81 11.99
C GLY E 33 45.94 70.85 13.45
N MET E 34 44.79 71.47 13.70
CA MET E 34 44.27 71.61 15.06
C MET E 34 43.56 70.36 15.63
N ALA E 35 43.70 70.18 16.95
CA ALA E 35 42.98 69.14 17.67
C ALA E 35 42.39 69.90 18.85
N ILE E 36 41.08 70.01 18.88
CA ILE E 36 40.42 70.68 20.01
C ILE E 36 39.65 69.65 20.82
N ILE E 37 39.97 69.62 22.11
CA ILE E 37 39.37 68.71 23.08
C ILE E 37 38.44 69.43 24.07
N PHE E 38 37.16 69.09 24.07
CA PHE E 38 36.22 69.66 25.05
C PHE E 38 36.05 68.61 26.13
N ASN E 39 36.68 68.88 27.26
CA ASN E 39 36.72 67.98 28.42
C ASN E 39 35.78 68.49 29.49
N HIS E 40 34.75 67.70 29.81
CA HIS E 40 33.78 68.14 30.81
C HIS E 40 33.85 67.22 32.01
N GLU E 41 34.25 67.78 33.14
CA GLU E 41 34.37 67.01 34.36
C GLU E 41 33.29 67.29 35.41
N HIS E 42 32.73 68.49 35.41
CA HIS E 42 31.77 68.89 36.43
C HIS E 42 30.65 69.63 35.74
N PHE E 43 29.43 69.52 36.24
CA PHE E 43 28.26 70.17 35.64
C PHE E 43 27.36 70.95 36.58
N ASP E 44 26.81 72.04 36.05
CA ASP E 44 25.88 72.89 36.78
C ASP E 44 24.45 72.31 36.63
N ILE E 45 24.34 71.09 36.14
CA ILE E 45 23.06 70.44 36.02
C ILE E 45 23.00 69.46 37.18
N HIS E 46 22.18 69.80 38.17
CA HIS E 46 22.04 69.01 39.40
C HIS E 46 22.07 67.48 39.26
N SER E 47 21.30 66.96 38.30
CA SER E 47 21.20 65.52 38.07
C SER E 47 22.49 64.89 37.53
N LEU E 48 23.43 65.68 37.03
CA LEU E 48 24.66 65.11 36.47
C LEU E 48 25.84 65.03 37.46
N LYS E 49 26.39 63.83 37.60
CA LYS E 49 27.52 63.66 38.50
C LYS E 49 28.86 64.02 37.85
N SER E 50 29.86 64.25 38.69
CA SER E 50 31.16 64.56 38.17
C SER E 50 31.72 63.36 37.38
N ARG E 51 32.52 63.65 36.35
CA ARG E 51 33.05 62.57 35.52
C ARG E 51 34.50 62.24 35.88
N THR E 52 34.72 61.89 37.13
CA THR E 52 36.04 61.55 37.62
C THR E 52 36.75 60.58 36.69
N GLY E 53 37.99 60.92 36.32
CA GLY E 53 38.81 60.13 35.41
C GLY E 53 38.84 60.72 33.99
N THR E 54 37.97 61.67 33.69
CA THR E 54 37.97 62.25 32.35
C THR E 54 39.25 63.02 32.09
N ASN E 55 39.87 63.53 33.15
CA ASN E 55 41.15 64.26 32.99
C ASN E 55 42.23 63.27 32.54
N VAL E 56 42.15 62.00 32.97
CA VAL E 56 43.16 61.03 32.54
C VAL E 56 43.01 60.96 31.02
N ASP E 57 41.75 60.85 30.55
CA ASP E 57 41.47 60.81 29.11
C ASP E 57 42.01 62.00 28.36
N SER E 58 41.75 63.18 28.91
CA SER E 58 42.14 64.39 28.26
C SER E 58 43.64 64.54 28.09
N ASP E 59 44.36 64.22 29.15
CA ASP E 59 45.81 64.29 29.13
C ASP E 59 46.39 63.24 28.19
N ASN E 60 45.84 62.05 28.24
CA ASN E 60 46.29 60.92 27.42
C ASN E 60 46.10 61.25 25.92
N LEU E 61 44.91 61.73 25.61
CA LEU E 61 44.60 62.01 24.23
C LEU E 61 45.48 63.17 23.76
N SER E 62 45.61 64.15 24.62
CA SER E 62 46.40 65.33 24.29
C SER E 62 47.86 64.95 23.99
N LYS E 63 48.42 64.10 24.82
CA LYS E 63 49.79 63.71 24.63
C LYS E 63 50.00 62.91 23.32
N VAL E 64 49.18 61.86 23.10
CA VAL E 64 49.40 61.11 21.90
C VAL E 64 49.16 61.94 20.64
N LEU E 65 48.20 62.86 20.68
CA LEU E 65 47.93 63.68 19.51
C LEU E 65 49.07 64.67 19.18
N LYS E 66 49.75 65.16 20.21
CA LYS E 66 50.88 66.05 19.98
C LYS E 66 51.98 65.26 19.26
N THR E 67 52.24 64.02 19.69
CA THR E 67 53.26 63.25 19.01
C THR E 67 52.85 63.02 17.55
N LEU E 68 51.57 63.17 17.21
CA LEU E 68 51.18 62.97 15.81
C LEU E 68 51.19 64.27 15.04
N GLY E 69 51.73 65.33 15.65
CA GLY E 69 51.81 66.61 14.97
C GLY E 69 50.71 67.64 15.23
N PHE E 70 49.61 67.22 15.87
CA PHE E 70 48.50 68.14 16.15
C PHE E 70 48.83 69.29 17.08
N LYS E 71 48.26 70.46 16.79
CA LYS E 71 48.41 71.59 17.68
C LYS E 71 47.18 71.43 18.54
N VAL E 72 47.40 71.01 19.78
CA VAL E 72 46.30 70.75 20.68
C VAL E 72 45.80 71.86 21.57
N THR E 73 44.48 72.00 21.63
CA THR E 73 43.87 72.95 22.55
C THR E 73 42.79 72.23 23.36
N VAL E 74 42.97 72.23 24.67
CA VAL E 74 42.00 71.63 25.56
C VAL E 74 41.09 72.74 26.14
N PHE E 75 39.77 72.56 26.05
CA PHE E 75 38.85 73.55 26.63
C PHE E 75 38.12 72.82 27.75
N PRO E 76 38.43 73.19 29.01
CA PRO E 76 37.79 72.55 30.17
C PRO E 76 36.39 73.08 30.60
N ASN E 77 35.41 72.19 30.75
CA ASN E 77 34.10 72.59 31.24
C ASN E 77 33.42 73.84 30.65
N LEU E 78 33.33 73.95 29.33
CA LEU E 78 32.69 75.12 28.76
C LEU E 78 31.17 75.03 28.77
N LYS E 79 30.53 76.19 28.67
CA LYS E 79 29.07 76.30 28.56
C LYS E 79 28.76 76.04 27.08
N SER E 80 27.54 75.59 26.81
CA SER E 80 27.16 75.28 25.44
C SER E 80 27.40 76.40 24.40
N GLU E 81 27.29 77.65 24.82
CA GLU E 81 27.49 78.74 23.88
C GLU E 81 28.98 78.96 23.62
N GLU E 82 29.80 78.72 24.65
CA GLU E 82 31.25 78.87 24.50
C GLU E 82 31.75 77.79 23.54
N ILE E 83 31.24 76.57 23.68
CA ILE E 83 31.64 75.51 22.76
C ILE E 83 31.30 75.96 21.33
N ASN E 84 30.06 76.37 21.11
CA ASN E 84 29.63 76.80 19.78
C ASN E 84 30.44 77.97 19.24
N LYS E 85 30.78 78.92 20.09
CA LYS E 85 31.57 80.06 19.65
C LYS E 85 32.96 79.59 19.20
N PHE E 86 33.62 78.78 20.02
CA PHE E 86 34.94 78.30 19.65
C PHE E 86 34.89 77.40 18.39
N ILE E 87 33.88 76.55 18.27
CA ILE E 87 33.73 75.71 17.10
C ILE E 87 33.62 76.61 15.85
N GLN E 88 32.73 77.60 15.89
CA GLN E 88 32.54 78.52 14.76
C GLN E 88 33.83 79.31 14.46
N GLN E 89 34.55 79.70 15.50
CA GLN E 89 35.80 80.38 15.25
C GLN E 89 36.74 79.46 14.46
N THR E 90 36.84 78.21 14.91
CA THR E 90 37.71 77.23 14.29
C THR E 90 37.34 77.05 12.80
N ALA E 91 36.04 76.96 12.53
CA ALA E 91 35.57 76.78 11.16
C ALA E 91 35.88 78.02 10.29
N GLU E 92 36.11 79.16 10.96
CA GLU E 92 36.40 80.42 10.28
C GLU E 92 37.89 80.66 10.10
N MET E 93 38.71 79.80 10.69
CA MET E 93 40.14 79.94 10.52
C MET E 93 40.53 79.47 9.14
N ASP E 94 41.74 79.84 8.74
CA ASP E 94 42.27 79.47 7.43
C ASP E 94 43.01 78.13 7.68
N HIS E 95 42.50 77.02 7.17
CA HIS E 95 43.14 75.71 7.38
C HIS E 95 43.95 75.24 6.16
N SER E 96 44.26 76.14 5.23
CA SER E 96 44.99 75.82 3.99
C SER E 96 46.25 74.97 4.14
N ASP E 97 47.02 75.29 5.15
CA ASP E 97 48.28 74.62 5.46
C ASP E 97 48.16 73.49 6.45
N ALA E 98 46.95 72.98 6.64
CA ALA E 98 46.75 71.87 7.57
C ALA E 98 46.30 70.61 6.83
N ASP E 99 46.69 69.44 7.34
CA ASP E 99 46.25 68.19 6.71
C ASP E 99 44.81 67.89 7.05
N CYS E 100 44.42 68.23 8.28
CA CYS E 100 43.09 67.85 8.76
C CYS E 100 42.65 68.61 9.99
N LEU E 101 41.52 68.18 10.54
CA LEU E 101 40.97 68.75 11.78
C LEU E 101 40.43 67.61 12.64
N LEU E 102 40.66 67.72 13.95
CA LEU E 102 40.19 66.71 14.89
C LEU E 102 39.50 67.44 16.03
N VAL E 103 38.29 66.96 16.37
CA VAL E 103 37.50 67.53 17.45
C VAL E 103 37.15 66.38 18.37
N ALA E 104 37.41 66.51 19.68
CA ALA E 104 37.05 65.46 20.62
C ALA E 104 36.17 66.04 21.72
N VAL E 105 35.21 65.23 22.20
CA VAL E 105 34.34 65.67 23.28
C VAL E 105 34.20 64.52 24.27
N LEU E 106 34.37 64.86 25.55
CA LEU E 106 34.32 63.90 26.67
C LEU E 106 33.29 64.49 27.63
N THR E 107 32.14 63.83 27.75
CA THR E 107 31.08 64.37 28.59
C THR E 107 29.96 63.37 28.79
N HIS E 108 28.87 63.86 29.32
CA HIS E 108 27.68 63.04 29.53
C HIS E 108 26.81 63.21 28.29
N GLY E 109 26.08 62.16 27.89
CA GLY E 109 25.20 62.31 26.75
C GLY E 109 23.97 61.43 26.92
N GLU E 110 23.05 61.56 25.98
CA GLU E 110 21.84 60.73 25.91
C GLU E 110 21.69 60.56 24.39
N LEU E 111 20.68 59.82 23.96
CA LEU E 111 20.51 59.64 22.55
C LEU E 111 20.31 61.01 21.89
N GLY E 112 21.20 61.36 20.97
CA GLY E 112 21.06 62.61 20.26
C GLY E 112 21.44 63.85 21.06
N MET E 113 22.08 63.71 22.22
CA MET E 113 22.43 64.93 22.89
C MET E 113 23.70 64.76 23.68
N LEU E 114 24.44 65.84 23.81
CA LEU E 114 25.67 65.86 24.58
C LEU E 114 25.49 67.00 25.55
N TYR E 115 26.19 66.92 26.70
CA TYR E 115 26.10 68.00 27.69
C TYR E 115 27.30 68.90 27.78
N ALA E 116 27.03 70.20 27.81
CA ALA E 116 28.07 71.18 28.06
C ALA E 116 27.93 71.34 29.59
N LYS E 117 28.62 72.31 30.18
CA LYS E 117 28.50 72.50 31.62
C LYS E 117 27.09 72.98 32.05
N ASP E 118 26.43 73.78 31.21
CA ASP E 118 25.12 74.35 31.57
C ASP E 118 23.84 73.71 31.02
N THR E 119 23.91 73.18 29.81
CA THR E 119 22.73 72.56 29.20
C THR E 119 23.22 71.64 28.08
N HIS E 120 22.30 71.02 27.37
CA HIS E 120 22.66 70.09 26.31
C HIS E 120 22.51 70.66 24.89
N TYR E 121 23.13 69.99 23.94
CA TYR E 121 23.06 70.34 22.52
C TYR E 121 23.15 69.06 21.65
N LYS E 122 22.79 69.20 20.39
CA LYS E 122 22.86 68.07 19.48
C LYS E 122 24.30 67.85 18.98
N PRO E 123 24.74 66.61 19.00
CA PRO E 123 26.10 66.23 18.54
C PRO E 123 26.38 66.82 17.14
N ASP E 124 25.35 66.84 16.32
CA ASP E 124 25.46 67.34 14.95
C ASP E 124 26.03 68.73 14.90
N ASN E 125 25.92 69.47 15.99
CA ASN E 125 26.48 70.84 16.07
C ASN E 125 27.98 70.87 15.94
N LEU E 126 28.66 69.78 16.34
CA LEU E 126 30.13 69.73 16.29
C LEU E 126 30.71 69.74 14.86
N TRP E 127 30.07 69.01 13.95
CA TRP E 127 30.58 68.93 12.57
C TRP E 127 29.81 69.82 11.56
N TYR E 128 28.65 70.32 11.96
CA TYR E 128 27.85 71.20 11.13
C TYR E 128 28.62 72.35 10.46
N TYR E 129 29.47 73.05 11.18
CA TYR E 129 30.16 74.20 10.59
C TYR E 129 31.35 73.85 9.69
N PHE E 130 31.63 72.56 9.52
CA PHE E 130 32.78 72.13 8.77
C PHE E 130 32.55 71.51 7.40
N THR E 131 31.30 71.46 6.95
CA THR E 131 31.08 70.90 5.61
C THR E 131 31.90 71.77 4.64
N ALA E 132 32.17 71.26 3.44
CA ALA E 132 33.06 71.98 2.50
C ALA E 132 32.61 73.39 2.10
N ASP E 133 31.30 73.60 1.99
CA ASP E 133 30.78 74.90 1.68
C ASP E 133 31.03 75.89 2.85
N LYS E 134 31.01 75.43 4.09
CA LYS E 134 31.22 76.35 5.19
C LYS E 134 32.66 76.54 5.57
N CYS E 135 33.50 75.55 5.27
CA CYS E 135 34.91 75.62 5.62
C CYS E 135 35.72 75.11 4.44
N PRO E 136 35.84 75.94 3.39
CA PRO E 136 36.55 75.60 2.16
C PRO E 136 37.99 75.22 2.35
N THR E 137 38.70 75.81 3.31
CA THR E 137 40.09 75.42 3.52
C THR E 137 40.29 74.01 4.07
N LEU E 138 39.18 73.32 4.39
CA LEU E 138 39.28 71.95 4.85
C LEU E 138 38.66 71.06 3.78
N ALA E 139 38.22 71.67 2.70
CA ALA E 139 37.63 70.92 1.59
C ALA E 139 38.62 69.89 1.02
N GLY E 140 38.16 68.65 0.91
CA GLY E 140 38.97 67.56 0.41
C GLY E 140 39.91 66.99 1.45
N LYS E 141 39.77 67.42 2.70
CA LYS E 141 40.64 67.01 3.80
C LYS E 141 39.85 66.26 4.87
N PRO E 142 40.45 65.28 5.56
CA PRO E 142 39.61 64.61 6.58
C PRO E 142 39.33 65.45 7.82
N LYS E 143 38.09 65.35 8.31
CA LYS E 143 37.56 66.05 9.47
C LYS E 143 37.10 64.92 10.40
N LEU E 144 37.80 64.82 11.52
CA LEU E 144 37.66 63.74 12.50
C LEU E 144 36.98 64.11 13.80
N PHE E 145 36.06 63.28 14.25
CA PHE E 145 35.36 63.60 15.48
C PHE E 145 35.30 62.43 16.38
N PHE E 146 35.68 62.64 17.64
CA PHE E 146 35.67 61.56 18.59
C PHE E 146 34.83 61.98 19.78
N ILE E 147 33.84 61.16 20.09
CA ILE E 147 32.92 61.44 21.17
C ILE E 147 32.84 60.32 22.20
N GLN E 148 33.20 60.65 23.43
CA GLN E 148 33.11 59.74 24.58
C GLN E 148 31.92 60.30 25.39
N ALA E 149 30.80 59.60 25.30
CA ALA E 149 29.57 59.99 26.01
C ALA E 149 28.53 58.92 25.72
N CYS E 150 27.60 58.70 26.66
CA CYS E 150 26.54 57.71 26.44
C CYS E 150 25.65 58.20 25.33
N GLN E 151 25.07 57.24 24.59
CA GLN E 151 24.12 57.59 23.53
C GLN E 151 22.73 57.06 23.97
N GLY E 152 22.57 56.89 25.28
CA GLY E 152 21.31 56.40 25.85
C GLY E 152 21.61 55.61 27.10
N ASP E 153 20.66 54.84 27.60
CA ASP E 153 20.88 54.06 28.81
C ASP E 153 20.69 52.57 28.63
N ARG E 154 20.91 52.05 27.44
CA ARG E 154 20.72 50.60 27.30
C ARG E 154 22.02 49.93 27.66
N LEU E 155 21.96 48.66 28.00
CA LEU E 155 23.09 47.89 28.43
C LEU E 155 23.31 46.70 27.54
N ASP E 156 24.59 46.36 27.32
CA ASP E 156 24.98 45.24 26.50
C ASP E 156 25.51 44.15 27.46
N GLY E 157 24.67 43.16 27.72
CA GLY E 157 25.05 42.09 28.63
C GLY E 157 26.19 41.23 28.13
N GLY E 158 26.44 41.30 26.81
CA GLY E 158 27.50 40.52 26.19
C GLY E 158 27.16 39.04 26.07
N ILE E 159 28.05 38.26 25.47
CA ILE E 159 27.86 36.82 25.30
C ILE E 159 29.23 36.14 25.38
N THR E 160 29.26 34.88 25.81
CA THR E 160 30.53 34.15 25.93
C THR E 160 30.75 33.28 24.71
N LEU E 161 31.92 33.43 24.07
CA LEU E 161 32.27 32.62 22.89
C LEU E 161 33.19 31.48 23.37
N SER E 162 32.80 30.24 23.09
CA SER E 162 33.54 29.08 23.60
C SER E 162 33.93 27.97 22.62
N ARG E 163 35.10 27.36 22.90
CA ARG E 163 35.74 26.28 22.13
C ARG E 163 36.56 26.74 20.93
N SER E 173 38.53 71.81 -11.57
CA SER E 173 39.09 70.51 -11.94
C SER E 173 38.27 69.31 -11.44
N TYR E 174 37.81 69.28 -10.17
CA TYR E 174 36.87 68.18 -9.81
C TYR E 174 35.91 68.51 -8.65
N ARG E 175 34.71 67.93 -8.70
CA ARG E 175 33.64 68.22 -7.71
C ARG E 175 33.36 67.12 -6.68
N ILE E 176 33.27 67.52 -5.39
CA ILE E 176 33.02 66.59 -4.29
C ILE E 176 31.77 66.98 -3.50
N PRO E 177 31.17 66.03 -2.75
CA PRO E 177 29.97 66.40 -1.97
C PRO E 177 30.50 67.19 -0.76
N VAL E 178 29.75 68.21 -0.31
CA VAL E 178 30.20 69.02 0.85
C VAL E 178 30.12 68.23 2.17
N HIS E 179 29.47 67.06 2.16
CA HIS E 179 29.42 66.22 3.35
C HIS E 179 30.45 65.09 3.30
N ALA E 180 31.28 65.03 2.27
CA ALA E 180 32.36 63.99 2.18
C ALA E 180 33.48 64.29 3.17
N ASP E 181 34.21 63.24 3.50
CA ASP E 181 35.40 63.29 4.35
C ASP E 181 35.29 63.60 5.81
N PHE E 182 34.17 63.20 6.38
CA PHE E 182 34.01 63.34 7.81
C PHE E 182 34.21 61.96 8.41
N LEU E 183 34.80 61.90 9.59
CA LEU E 183 34.94 60.62 10.31
C LEU E 183 34.37 60.87 11.71
N ILE E 184 33.34 60.13 12.10
CA ILE E 184 32.72 60.35 13.42
C ILE E 184 32.64 59.05 14.20
N ALA E 185 33.45 59.03 15.24
CA ALA E 185 33.59 57.90 16.10
C ALA E 185 32.98 58.14 17.47
N PHE E 186 31.95 57.37 17.78
CA PHE E 186 31.31 57.41 19.08
C PHE E 186 31.82 56.22 19.88
N SER E 187 32.08 56.46 21.15
CA SER E 187 32.56 55.39 22.05
C SER E 187 31.53 54.25 22.16
N THR E 188 30.28 54.51 21.75
CA THR E 188 29.27 53.51 21.93
C THR E 188 28.22 53.58 20.86
N VAL E 189 27.51 52.48 20.72
CA VAL E 189 26.41 52.36 19.77
C VAL E 189 25.17 53.24 20.21
N PRO E 190 24.41 53.78 19.25
CA PRO E 190 23.26 54.61 19.62
C PRO E 190 22.31 53.87 20.55
N GLY E 191 21.83 54.60 21.56
CA GLY E 191 20.94 54.04 22.55
C GLY E 191 21.67 53.50 23.78
N TYR E 192 22.99 53.34 23.71
CA TYR E 192 23.71 52.74 24.85
C TYR E 192 24.58 53.59 25.72
N PHE E 193 24.85 53.02 26.90
CA PHE E 193 25.71 53.61 27.91
C PHE E 193 27.14 53.49 27.37
N SER E 194 28.00 54.34 27.89
CA SER E 194 29.40 54.28 27.52
C SER E 194 30.13 54.19 28.87
N TRP E 195 31.15 53.37 28.97
CA TRP E 195 31.86 53.24 30.25
C TRP E 195 33.18 54.03 30.44
N ARG E 196 33.34 54.49 31.69
CA ARG E 196 34.48 55.27 32.15
C ARG E 196 35.01 54.73 33.48
N ASN E 197 36.32 54.49 33.55
CA ASN E 197 36.86 54.06 34.82
C ASN E 197 37.44 55.31 35.50
N THR E 198 37.08 55.52 36.76
CA THR E 198 37.49 56.73 37.49
C THR E 198 39.00 56.87 37.66
N THR E 199 39.75 55.79 37.56
CA THR E 199 41.16 56.01 37.67
C THR E 199 41.88 55.84 36.32
N ARG E 200 41.38 54.99 35.43
CA ARG E 200 42.03 54.81 34.12
C ARG E 200 41.41 55.58 32.93
N GLY E 201 40.29 56.24 33.14
CA GLY E 201 39.64 56.96 32.05
C GLY E 201 38.64 56.07 31.31
N SER E 202 38.02 56.63 30.27
CA SER E 202 37.02 55.86 29.54
C SER E 202 37.63 54.70 28.77
N TRP E 203 36.84 53.66 28.55
CA TRP E 203 37.34 52.51 27.83
C TRP E 203 37.78 52.90 26.42
N PHE E 204 36.92 53.70 25.78
CA PHE E 204 37.15 54.16 24.43
C PHE E 204 38.45 54.95 24.31
N MET E 205 38.64 55.95 25.18
CA MET E 205 39.86 56.74 25.14
C MET E 205 41.14 55.90 25.48
N GLN E 206 41.02 55.02 26.47
CA GLN E 206 42.15 54.16 26.77
C GLN E 206 42.50 53.38 25.50
N ALA E 207 41.52 52.75 24.85
CA ALA E 207 41.83 51.97 23.66
C ALA E 207 42.35 52.84 22.48
N LEU E 208 41.70 53.96 22.25
CA LEU E 208 42.10 54.85 21.18
C LEU E 208 43.55 55.31 21.37
N CYS E 209 43.89 55.77 22.57
CA CYS E 209 45.22 56.25 22.82
C CYS E 209 46.27 55.17 22.65
N GLU E 210 45.99 53.95 23.13
CA GLU E 210 46.95 52.87 22.99
C GLU E 210 47.13 52.53 21.50
N GLU E 211 46.03 52.45 20.76
CA GLU E 211 46.18 52.11 19.35
C GLU E 211 46.95 53.17 18.57
N LEU E 212 46.62 54.44 18.84
CA LEU E 212 47.28 55.56 18.18
C LEU E 212 48.76 55.55 18.54
N ARG E 213 49.08 55.23 19.80
CA ARG E 213 50.46 55.19 20.26
C ARG E 213 51.25 54.08 19.54
N TYR E 214 50.60 52.95 19.40
CA TYR E 214 51.20 51.79 18.80
C TYR E 214 51.35 51.83 17.26
N ALA E 215 50.28 52.25 16.57
CA ALA E 215 50.34 52.23 15.12
C ALA E 215 49.77 53.46 14.44
N GLY E 216 49.59 54.53 15.22
CA GLY E 216 49.05 55.77 14.68
C GLY E 216 49.74 56.41 13.48
N THR E 217 51.01 56.10 13.30
CA THR E 217 51.81 56.61 12.19
C THR E 217 51.63 55.81 10.91
N GLU E 218 51.34 54.52 11.06
CA GLU E 218 51.25 53.59 9.94
C GLU E 218 49.93 52.95 9.53
N ARG E 219 48.97 52.78 10.43
CA ARG E 219 47.72 52.16 9.99
C ARG E 219 46.75 53.19 9.42
N ASP E 220 46.03 52.83 8.36
CA ASP E 220 45.02 53.75 7.89
C ASP E 220 43.98 53.82 9.07
N ILE E 221 43.33 54.97 9.18
CA ILE E 221 42.43 55.25 10.29
C ILE E 221 41.31 54.24 10.54
N LEU E 222 40.69 53.73 9.48
CA LEU E 222 39.61 52.74 9.63
C LEU E 222 40.13 51.38 10.16
N THR E 223 41.31 50.96 9.71
CA THR E 223 41.89 49.72 10.19
C THR E 223 42.24 49.96 11.65
N LEU E 224 42.81 51.12 11.92
CA LEU E 224 43.15 51.51 13.27
C LEU E 224 41.91 51.52 14.25
N LEU E 225 40.80 52.12 13.82
CA LEU E 225 39.60 52.17 14.64
C LEU E 225 38.99 50.76 14.74
N THR E 226 39.24 49.91 13.74
CA THR E 226 38.76 48.54 13.84
C THR E 226 39.43 47.90 15.06
N PHE E 227 40.71 48.16 15.23
CA PHE E 227 41.41 47.58 16.39
C PHE E 227 41.03 48.29 17.67
N VAL E 228 40.68 49.58 17.59
CA VAL E 228 40.21 50.24 18.80
C VAL E 228 38.91 49.46 19.22
N CYS E 229 37.99 49.20 18.27
CA CYS E 229 36.73 48.48 18.60
C CYS E 229 37.04 47.13 19.20
N GLN E 230 37.97 46.40 18.56
CA GLN E 230 38.33 45.11 19.07
C GLN E 230 38.84 45.23 20.52
N LYS E 231 39.69 46.23 20.80
CA LYS E 231 40.17 46.36 22.17
C LYS E 231 39.02 46.66 23.15
N VAL E 232 38.15 47.59 22.77
CA VAL E 232 37.05 47.94 23.66
C VAL E 232 36.10 46.76 23.85
N ALA E 233 35.80 46.07 22.76
CA ALA E 233 34.92 44.92 22.83
C ALA E 233 35.48 43.72 23.61
N LEU E 234 36.80 43.55 23.59
CA LEU E 234 37.34 42.35 24.22
C LEU E 234 37.98 42.44 25.62
N ASP E 235 38.66 43.56 25.86
CA ASP E 235 39.43 43.74 27.06
C ASP E 235 38.72 44.45 28.22
N PHE E 236 37.50 44.93 28.00
CA PHE E 236 36.78 45.59 29.05
C PHE E 236 35.46 44.88 29.31
N GLU E 237 35.09 44.91 30.58
CA GLU E 237 33.86 44.34 31.10
C GLU E 237 33.61 45.12 32.40
N SER E 238 32.39 45.62 32.58
CA SER E 238 32.13 46.42 33.77
C SER E 238 32.24 45.69 35.08
N ASN E 239 32.78 46.39 36.06
CA ASN E 239 32.87 45.80 37.39
C ASN E 239 32.08 46.69 38.33
N ALA E 240 30.84 46.28 38.64
CA ALA E 240 29.92 47.03 39.52
C ALA E 240 29.12 46.03 40.38
N PRO E 241 29.78 45.40 41.34
CA PRO E 241 29.11 44.43 42.20
C PRO E 241 28.00 44.97 43.13
N ASP E 242 27.97 46.29 43.37
CA ASP E 242 26.90 46.87 44.20
C ASP E 242 25.60 46.96 43.37
N SER E 243 25.73 46.81 42.05
CA SER E 243 24.57 46.92 41.17
C SER E 243 24.60 45.83 40.10
N ALA E 244 23.95 44.68 40.35
CA ALA E 244 23.93 43.54 39.39
C ALA E 244 23.63 43.93 37.94
N MET E 245 22.61 44.76 37.78
CA MET E 245 22.19 45.25 36.48
C MET E 245 23.32 45.92 35.69
N MET E 246 24.21 46.61 36.39
CA MET E 246 25.31 47.32 35.74
C MET E 246 26.60 46.50 35.69
N HIS E 247 26.52 45.28 36.16
CA HIS E 247 27.71 44.47 36.29
C HIS E 247 28.03 43.49 35.17
N GLN E 248 29.32 43.42 34.84
CA GLN E 248 29.83 42.55 33.77
C GLN E 248 29.16 42.89 32.47
N GLN E 249 29.02 44.19 32.23
CA GLN E 249 28.45 44.69 30.97
C GLN E 249 29.59 44.94 29.98
N LYS E 250 29.25 44.93 28.71
CA LYS E 250 30.17 45.08 27.60
C LYS E 250 29.88 46.32 26.75
N GLN E 251 30.79 46.60 25.81
CA GLN E 251 30.68 47.77 24.94
C GLN E 251 31.46 47.69 23.64
N VAL E 252 30.83 48.17 22.56
CA VAL E 252 31.53 48.26 21.27
C VAL E 252 31.36 49.70 20.74
N PRO E 253 32.43 50.30 20.20
CA PRO E 253 32.28 51.66 19.68
C PRO E 253 31.52 51.66 18.32
N CYS E 254 31.13 52.85 17.86
CA CYS E 254 30.38 52.94 16.61
C CYS E 254 31.08 54.00 15.72
N ILE E 255 31.71 53.52 14.64
CA ILE E 255 32.52 54.33 13.73
C ILE E 255 31.74 54.64 12.48
N THR E 256 31.48 55.91 12.24
CA THR E 256 30.71 56.39 11.09
C THR E 256 31.67 57.12 10.14
N SER E 257 31.78 56.59 8.93
CA SER E 257 32.72 57.15 7.99
C SER E 257 32.14 57.57 6.67
N MET E 258 32.49 58.81 6.28
CA MET E 258 32.15 59.42 4.99
C MET E 258 33.49 59.71 4.21
N LEU E 259 34.60 59.09 4.66
CA LEU E 259 35.93 59.21 4.10
C LEU E 259 35.94 58.63 2.70
N THR E 260 36.50 59.37 1.76
CA THR E 260 36.59 58.95 0.38
C THR E 260 37.98 58.51 0.01
N ARG E 261 38.92 58.59 0.95
CA ARG E 261 40.30 58.13 0.69
C ARG E 261 40.78 57.54 2.00
N LEU E 262 41.89 56.83 1.95
CA LEU E 262 42.48 56.23 3.14
C LEU E 262 43.25 57.33 3.83
N LEU E 263 43.32 57.25 5.16
CA LEU E 263 44.02 58.24 5.96
C LEU E 263 45.12 57.58 6.78
N VAL E 264 46.36 57.87 6.40
CA VAL E 264 47.51 57.35 7.12
C VAL E 264 48.21 58.61 7.57
N PHE E 265 48.42 58.77 8.86
CA PHE E 265 49.05 59.97 9.36
C PHE E 265 50.51 60.20 8.96
N GLY E 266 51.37 59.19 9.13
CA GLY E 266 52.78 59.37 8.77
C GLY E 266 53.33 60.43 9.70
N LYS E 267 54.64 60.58 9.74
CA LYS E 267 55.27 61.57 10.61
C LYS E 267 55.41 62.92 9.84
N LYS E 268 55.05 64.02 10.48
CA LYS E 268 55.14 65.30 9.78
C LYS E 268 56.58 65.75 9.55
N GLN E 269 56.84 66.28 8.36
CA GLN E 269 58.15 66.82 8.02
C GLN E 269 58.64 67.71 9.14
N SER E 270 57.79 68.66 9.50
CA SER E 270 58.09 69.65 10.51
C SER E 270 58.02 69.24 11.96
N HIS E 271 57.85 67.95 12.28
CA HIS E 271 57.77 67.57 13.70
C HIS E 271 59.14 67.51 14.38
N LEU E 272 59.41 68.59 15.13
CA LEU E 272 60.67 68.91 15.84
C LEU E 272 61.55 69.75 14.85
N ASP F 2 34.08 51.69 38.03
CA ASP F 2 33.41 51.83 36.73
C ASP F 2 32.09 52.65 36.76
N GLU F 3 32.01 53.66 35.90
CA GLU F 3 30.81 54.52 35.86
C GLU F 3 30.31 54.68 34.40
N VAL F 4 29.09 55.17 34.22
CA VAL F 4 28.58 55.44 32.87
C VAL F 4 28.52 56.96 32.58
N ASP F 5 28.58 57.32 31.30
CA ASP F 5 28.59 58.72 30.81
C ASP F 5 27.27 59.10 30.11
#